data_2OOX
#
_entry.id   2OOX
#
_cell.length_a   73.456
_cell.length_b   97.392
_cell.length_c   168.884
_cell.angle_alpha   90.00
_cell.angle_beta   90.00
_cell.angle_gamma   90.00
#
_symmetry.space_group_name_H-M   'P 21 21 21'
#
loop_
_entity.id
_entity.type
_entity.pdbx_description
1 polymer 'SNF1-like protein kinase ssp2'
2 polymer 'SPCC1919.03c protein'
3 polymer 'Hypothetical protein C1556.08c in chromosome I'
4 non-polymer 'ADENOSINE MONOPHOSPHATE'
5 water water
#
loop_
_entity_poly.entity_id
_entity_poly.type
_entity_poly.pdbx_seq_one_letter_code
_entity_poly.pdbx_strand_id
1 'polypeptide(L)'
;SQSTRKKSRRNKWHFGVRCRGDAPEILLAVYRALQRAGAQFTVPKPVNGKYRSDMYTIKSRWEIPHCKREGKNTYAYIEL
QLYEVMPGCFMLDVKSNGYKDIYSHPERTADHGMDDLKSSFPFLDLCAMLVCKLFSA
;
A,C
2 'polypeptide(L)'
;MSESEQYSTEIPAFLTSNTLQELKLPKPPSLPPHLEKCILNSNTAYKEDQSVLPNPNHVLLNHLAAANTQLGVLALSATT
RYHRKYVTTAMFKNFDV
;
B,D
3 'polypeptide(L)'
;MDVQETQKGALKEIQAFIRSRTSYDVLPTSFRLIVFDVTLFVKTSLSLLTLNNIVSAPLWDSEANKFAGLLTMADFVNVI
KYYYQSSSFPEAIAEIDKFRLLGLREVERKIGAIPPETIYVHPMHSLMDACLAMSKSRARRIPLIDVDGETGSEMIVSVL
TQYRILKFISMNCKETAMLRVPLNQMTIGTWSNLATASMETKVYDVIKMLAEKNISAVPIVNSEGTLLNVYESVDVMHLI
QDGDYSNLDLSVGEALLKRPANFDGVHTCRATDRLDGIFDAIKHSRVHRLFVVDENLKLEGILSLADILNYIIYDKTTTP
GVPEQTDNFESAV
;
G,E
#
# COMPACT_ATOMS: atom_id res chain seq x y z
N ARG A 10 1.31 14.97 -20.45
CA ARG A 10 0.70 13.59 -20.42
C ARG A 10 1.80 12.55 -20.30
N ASN A 11 2.47 12.53 -19.14
CA ASN A 11 3.70 11.73 -18.88
C ASN A 11 4.18 12.01 -17.45
N LYS A 12 4.53 10.98 -16.68
CA LYS A 12 4.57 11.15 -15.23
C LYS A 12 5.56 12.17 -14.63
N TRP A 13 6.75 12.33 -15.20
CA TRP A 13 7.69 13.30 -14.63
C TRP A 13 7.39 14.65 -15.23
N HIS A 14 7.55 15.68 -14.40
CA HIS A 14 7.41 17.04 -14.81
C HIS A 14 8.40 17.87 -14.01
N PHE A 15 8.83 18.99 -14.60
CA PHE A 15 9.61 19.95 -13.85
C PHE A 15 8.80 20.58 -12.77
N GLY A 16 9.50 20.96 -11.69
CA GLY A 16 8.97 21.77 -10.61
C GLY A 16 7.89 21.10 -9.82
N VAL A 17 7.13 21.88 -9.07
CA VAL A 17 6.04 21.36 -8.25
C VAL A 17 4.76 22.05 -8.75
N ARG A 18 3.69 21.28 -8.99
CA ARG A 18 2.41 21.82 -9.52
C ARG A 18 1.63 22.64 -8.49
N CYS A 19 0.95 23.67 -8.96
CA CYS A 19 0.07 24.41 -8.10
C CYS A 19 -1.10 24.96 -8.90
N ARG A 20 -2.13 25.40 -8.19
CA ARG A 20 -3.37 25.86 -8.80
C ARG A 20 -3.95 26.98 -7.93
N GLY A 21 -4.71 27.88 -8.54
CA GLY A 21 -5.36 28.91 -7.77
C GLY A 21 -4.94 30.28 -8.20
N ASP A 22 -4.50 31.08 -7.23
CA ASP A 22 -4.20 32.48 -7.44
C ASP A 22 -2.71 32.55 -7.15
N ALA A 23 -1.96 33.16 -8.07
CA ALA A 23 -0.51 33.24 -7.97
C ALA A 23 0.04 33.99 -6.73
N PRO A 24 -0.59 35.13 -6.34
CA PRO A 24 -0.20 35.71 -5.09
C PRO A 24 -0.40 34.80 -3.93
N GLU A 25 -1.53 34.09 -3.83
CA GLU A 25 -1.72 33.10 -2.72
C GLU A 25 -0.65 31.97 -2.74
N ILE A 26 -0.26 31.52 -3.95
CA ILE A 26 0.76 30.47 -4.12
C ILE A 26 2.10 31.02 -3.60
N LEU A 27 2.39 32.26 -3.95
CA LEU A 27 3.61 32.92 -3.47
C LEU A 27 3.66 33.02 -1.97
N LEU A 28 2.54 33.36 -1.36
CA LEU A 28 2.52 33.45 0.10
C LEU A 28 2.75 32.08 0.69
N ALA A 29 2.14 31.04 0.09
CA ALA A 29 2.43 29.64 0.45
C ALA A 29 3.91 29.23 0.28
N VAL A 30 4.53 29.54 -0.85
CA VAL A 30 5.92 29.21 -0.98
C VAL A 30 6.73 29.82 0.21
N TYR A 31 6.47 31.09 0.52
CA TYR A 31 7.20 31.76 1.59
C TYR A 31 7.00 31.15 2.98
N ARG A 32 5.78 30.81 3.33
CA ARG A 32 5.53 30.24 4.63
C ARG A 32 6.33 28.97 4.78
N ALA A 33 6.39 28.22 3.68
CA ALA A 33 7.05 26.93 3.61
C ALA A 33 8.56 27.07 3.76
N LEU A 34 9.14 28.05 3.07
CA LEU A 34 10.57 28.29 3.16
C LEU A 34 10.88 28.71 4.58
N GLN A 35 9.93 29.43 5.18
CA GLN A 35 10.10 29.97 6.50
C GLN A 35 10.10 28.80 7.44
N ARG A 36 9.17 27.88 7.29
CA ARG A 36 9.11 26.83 8.27
C ARG A 36 10.10 25.67 8.08
N ALA A 37 10.65 25.56 6.87
CA ALA A 37 11.76 24.62 6.60
C ALA A 37 13.05 25.21 7.12
N GLY A 38 13.01 26.47 7.53
CA GLY A 38 14.19 27.15 8.04
C GLY A 38 15.06 27.94 7.06
N ALA A 39 14.62 28.13 5.83
CA ALA A 39 15.48 28.85 4.89
C ALA A 39 15.35 30.41 4.97
N GLN A 40 16.28 31.11 4.35
CA GLN A 40 16.19 32.57 4.17
C GLN A 40 15.94 32.83 2.68
N PHE A 41 15.53 34.05 2.32
CA PHE A 41 15.11 34.29 0.95
C PHE A 41 15.15 35.77 0.58
N THR A 42 15.13 36.05 -0.72
CA THR A 42 14.96 37.39 -1.19
C THR A 42 13.50 37.76 -0.99
N VAL A 43 13.24 39.06 -1.02
CA VAL A 43 11.90 39.57 -0.82
C VAL A 43 11.58 40.53 -1.98
N PRO A 44 10.30 40.61 -2.38
CA PRO A 44 10.03 41.52 -3.50
C PRO A 44 10.22 42.97 -3.09
N LYS A 45 10.63 43.77 -4.04
CA LYS A 45 10.83 45.21 -3.81
C LYS A 45 9.99 45.99 -4.85
N PRO A 46 9.08 46.86 -4.36
CA PRO A 46 8.23 47.66 -5.26
C PRO A 46 9.03 48.76 -5.94
N VAL A 47 8.80 48.91 -7.23
CA VAL A 47 9.53 49.89 -8.05
C VAL A 47 8.62 51.09 -8.36
N ASN A 48 8.72 52.10 -7.49
CA ASN A 48 7.98 53.36 -7.61
C ASN A 48 6.48 53.21 -7.35
N GLY A 49 6.16 52.50 -6.26
CA GLY A 49 4.77 52.32 -5.80
C GLY A 49 4.17 50.95 -6.08
N LYS A 50 4.67 50.29 -7.13
CA LYS A 50 4.06 49.05 -7.56
C LYS A 50 5.03 47.87 -7.66
N TYR A 51 4.53 46.68 -7.35
CA TYR A 51 5.30 45.44 -7.43
C TYR A 51 5.28 44.97 -8.85
N ARG A 52 6.33 44.23 -9.22
CA ARG A 52 6.46 43.66 -10.56
C ARG A 52 6.59 42.13 -10.58
N SER A 53 6.58 41.56 -11.78
CA SER A 53 6.59 40.12 -11.99
C SER A 53 7.79 39.38 -11.45
N ASP A 54 8.91 40.09 -11.29
CA ASP A 54 10.06 39.50 -10.65
C ASP A 54 9.79 39.12 -9.18
N MET A 55 8.61 39.44 -8.66
CA MET A 55 8.26 39.02 -7.31
C MET A 55 8.15 37.49 -7.26
N TYR A 56 8.03 36.88 -8.42
CA TYR A 56 7.83 35.47 -8.49
C TYR A 56 9.14 34.76 -8.69
N THR A 57 10.22 35.44 -8.32
CA THR A 57 11.54 34.89 -8.39
C THR A 57 12.11 35.02 -7.03
N ILE A 58 12.27 33.90 -6.34
CA ILE A 58 12.76 33.89 -4.98
C ILE A 58 14.11 33.23 -4.97
N LYS A 59 15.16 33.99 -4.63
CA LYS A 59 16.43 33.36 -4.30
C LYS A 59 16.46 32.99 -2.83
N SER A 60 16.71 31.72 -2.51
CA SER A 60 16.74 31.26 -1.14
C SER A 60 18.10 30.66 -0.76
N ARG A 61 18.28 30.45 0.54
CA ARG A 61 19.55 29.99 1.11
C ARG A 61 19.27 29.16 2.37
N TRP A 62 20.02 28.08 2.51
CA TRP A 62 19.63 27.07 3.45
C TRP A 62 20.86 26.61 4.13
N GLU A 63 20.82 26.50 5.45
CA GLU A 63 21.94 25.84 6.06
C GLU A 63 21.74 24.35 5.99
N ILE A 64 22.71 23.70 5.34
CA ILE A 64 22.69 22.29 5.09
C ILE A 64 22.80 21.56 6.42
N PRO A 65 21.76 20.78 6.76
CA PRO A 65 21.77 20.10 8.06
C PRO A 65 22.87 19.07 8.32
N HIS A 66 23.31 18.27 7.34
CA HIS A 66 24.29 17.24 7.67
C HIS A 66 25.63 17.92 7.90
N CYS A 67 25.77 19.08 7.24
CA CYS A 67 26.93 19.90 7.44
C CYS A 67 26.89 20.57 8.81
N LYS A 68 25.71 21.00 9.25
CA LYS A 68 25.59 21.73 10.51
C LYS A 68 25.86 20.85 11.72
N ARG A 69 25.40 19.61 11.62
CA ARG A 69 25.55 18.56 12.64
C ARG A 69 27.02 18.30 12.97
N GLU A 70 27.90 18.61 12.01
CA GLU A 70 29.33 18.42 12.22
C GLU A 70 30.12 19.71 12.39
N GLY A 71 29.51 20.75 12.96
CA GLY A 71 30.13 22.08 13.15
C GLY A 71 30.66 22.77 11.89
N LYS A 72 29.94 22.63 10.79
CA LYS A 72 30.29 23.26 9.52
C LYS A 72 29.24 24.30 9.16
N ASN A 73 29.68 25.47 8.70
CA ASN A 73 28.77 26.50 8.25
C ASN A 73 28.75 26.53 6.72
N THR A 74 27.80 25.77 6.16
CA THR A 74 27.72 25.61 4.72
C THR A 74 26.30 25.78 4.18
N TYR A 75 26.19 26.54 3.10
CA TYR A 75 24.91 26.92 2.50
C TYR A 75 24.61 26.29 1.16
N ALA A 76 23.34 25.99 0.96
CA ALA A 76 22.84 25.65 -0.35
C ALA A 76 22.05 26.83 -0.86
N TYR A 77 22.29 27.17 -2.12
CA TYR A 77 21.58 28.25 -2.81
C TYR A 77 20.51 27.69 -3.74
N ILE A 78 19.26 27.99 -3.44
CA ILE A 78 18.13 27.49 -4.20
C ILE A 78 17.27 28.65 -4.73
N GLU A 79 17.09 28.65 -6.05
CA GLU A 79 16.28 29.66 -6.75
C GLU A 79 14.89 29.13 -7.21
N LEU A 80 13.82 29.80 -6.75
CA LEU A 80 12.45 29.37 -6.99
C LEU A 80 11.78 30.32 -7.98
N GLN A 81 10.92 29.79 -8.86
CA GLN A 81 10.37 30.57 -9.98
C GLN A 81 8.98 30.06 -10.34
N LEU A 82 7.99 30.93 -10.18
CA LEU A 82 6.62 30.54 -10.49
C LEU A 82 6.35 30.75 -11.97
N TYR A 83 5.91 29.71 -12.65
CA TYR A 83 5.43 29.93 -13.98
C TYR A 83 3.99 29.49 -14.08
N GLU A 84 3.25 30.14 -14.98
CA GLU A 84 1.87 29.77 -15.27
C GLU A 84 1.83 28.88 -16.51
N VAL A 85 1.26 27.69 -16.34
CA VAL A 85 1.18 26.71 -17.41
C VAL A 85 -0.04 26.94 -18.26
N MET A 86 -1.15 27.18 -17.60
CA MET A 86 -2.45 27.42 -18.21
C MET A 86 -3.20 28.23 -17.15
N PRO A 87 -4.36 28.78 -17.52
CA PRO A 87 -5.05 29.60 -16.56
C PRO A 87 -5.32 28.83 -15.26
N GLY A 88 -4.85 29.39 -14.15
CA GLY A 88 -5.02 28.82 -12.83
C GLY A 88 -4.09 27.68 -12.45
N CYS A 89 -3.18 27.30 -13.35
CA CYS A 89 -2.29 26.17 -13.13
C CYS A 89 -0.89 26.63 -13.30
N PHE A 90 -0.03 26.20 -12.39
CA PHE A 90 1.27 26.83 -12.25
C PHE A 90 2.33 25.80 -11.96
N MET A 91 3.58 26.14 -12.27
CA MET A 91 4.73 25.32 -11.92
C MET A 91 5.56 26.19 -10.98
N LEU A 92 5.90 25.65 -9.83
CA LEU A 92 6.94 26.20 -9.00
C LEU A 92 8.26 25.55 -9.44
N ASP A 93 9.05 26.26 -10.24
CA ASP A 93 10.36 25.78 -10.68
C ASP A 93 11.38 26.04 -9.59
N VAL A 94 12.12 24.98 -9.27
CA VAL A 94 13.11 24.96 -8.17
C VAL A 94 14.44 24.49 -8.73
N LYS A 95 15.46 25.32 -8.52
CA LYS A 95 16.71 25.18 -9.23
C LYS A 95 17.86 25.25 -8.24
N SER A 96 18.91 24.46 -8.46
CA SER A 96 20.09 24.55 -7.60
C SER A 96 21.19 25.52 -8.12
N ASN A 97 21.55 26.48 -7.30
CA ASN A 97 22.72 27.32 -7.53
C ASN A 97 23.94 26.82 -6.72
N GLY A 98 23.88 25.57 -6.28
CA GLY A 98 25.03 24.93 -5.68
C GLY A 98 25.28 25.29 -4.24
N TYR A 99 26.50 25.04 -3.82
CA TYR A 99 26.84 24.98 -2.40
C TYR A 99 28.10 25.81 -2.05
N LYS A 100 28.26 26.10 -0.76
CA LYS A 100 29.38 26.90 -0.28
C LYS A 100 29.58 26.76 1.23
N ASP A 101 30.70 26.16 1.63
CA ASP A 101 31.20 26.25 3.00
C ASP A 101 31.73 27.64 3.14
N ILE A 102 31.06 28.48 3.90
CA ILE A 102 31.38 29.90 3.84
C ILE A 102 32.78 30.24 4.39
N TYR A 103 33.40 29.29 5.08
CA TYR A 103 34.75 29.52 5.58
C TYR A 103 35.83 28.77 4.78
N SER A 104 36.10 29.28 3.56
CA SER A 104 37.29 28.89 2.73
C SER A 104 37.64 29.80 1.52
N HIS A 105 36.76 29.85 0.52
CA HIS A 105 37.11 30.24 -0.88
C HIS A 105 37.18 31.75 -1.21
N PRO A 106 38.17 32.16 -2.04
CA PRO A 106 39.42 31.44 -2.23
C PRO A 106 40.24 31.75 -0.97
N GLU A 107 40.18 33.03 -0.60
CA GLU A 107 40.12 33.45 0.79
C GLU A 107 39.22 34.69 0.79
N ARG A 108 37.92 34.43 0.81
CA ARG A 108 36.84 35.45 0.82
C ARG A 108 36.69 36.40 -0.39
N THR A 109 36.54 35.83 -1.59
CA THR A 109 36.30 36.64 -2.80
C THR A 109 35.02 36.23 -3.54
N ALA A 110 33.96 37.01 -3.30
CA ALA A 110 32.59 36.72 -3.78
C ALA A 110 31.96 35.51 -3.07
N ASP A 111 30.90 34.93 -3.63
CA ASP A 111 30.16 33.85 -2.93
C ASP A 111 29.11 33.09 -3.78
N HIS A 112 27.94 32.87 -3.18
CA HIS A 112 26.75 32.31 -3.83
C HIS A 112 26.98 31.08 -4.74
N GLY A 113 27.46 29.98 -4.17
CA GLY A 113 27.56 28.70 -4.89
C GLY A 113 28.76 28.60 -5.81
N MET A 114 28.81 29.46 -6.83
CA MET A 114 30.01 29.76 -7.63
C MET A 114 30.68 28.58 -8.36
N ASP A 115 31.18 27.63 -7.56
CA ASP A 115 32.40 26.85 -7.85
C ASP A 115 32.22 25.40 -8.25
N ASP A 116 31.26 24.73 -7.60
CA ASP A 116 31.19 23.26 -7.55
C ASP A 116 30.31 22.64 -8.65
N LEU A 117 29.03 23.05 -8.67
CA LEU A 117 28.02 22.65 -9.66
C LEU A 117 27.80 21.15 -9.94
N LYS A 118 28.48 20.24 -9.27
CA LYS A 118 28.27 18.83 -9.59
C LYS A 118 27.05 18.28 -8.89
N SER A 119 27.22 17.56 -7.77
CA SER A 119 26.13 16.81 -7.09
C SER A 119 24.70 17.41 -6.89
N SER A 120 23.69 16.54 -7.03
CA SER A 120 22.26 16.88 -6.82
C SER A 120 21.83 16.70 -5.38
N PHE A 121 22.75 16.23 -4.57
CA PHE A 121 22.53 16.19 -3.13
C PHE A 121 23.55 17.14 -2.48
N PRO A 122 23.17 17.87 -1.41
CA PRO A 122 21.87 17.80 -0.70
C PRO A 122 20.67 18.46 -1.35
N PHE A 123 20.84 19.05 -2.54
CA PHE A 123 19.76 19.81 -3.17
C PHE A 123 18.46 19.01 -3.10
N LEU A 124 18.52 17.74 -3.55
CA LEU A 124 17.31 16.92 -3.65
C LEU A 124 16.73 16.68 -2.26
N ASP A 125 17.60 16.49 -1.29
CA ASP A 125 17.12 16.40 0.07
C ASP A 125 16.52 17.70 0.58
N LEU A 126 17.02 18.85 0.16
CA LEU A 126 16.35 20.08 0.58
C LEU A 126 15.02 20.26 -0.15
N CYS A 127 14.97 19.82 -1.41
CA CYS A 127 13.71 19.88 -2.15
C CYS A 127 12.66 19.05 -1.42
N ALA A 128 13.07 17.90 -0.87
CA ALA A 128 12.12 17.03 -0.20
C ALA A 128 11.55 17.72 1.04
N MET A 129 12.39 18.53 1.70
CA MET A 129 11.91 19.37 2.79
C MET A 129 10.95 20.47 2.37
N LEU A 130 11.22 21.13 1.24
CA LEU A 130 10.33 22.16 0.75
C LEU A 130 8.97 21.52 0.49
N VAL A 131 8.99 20.42 -0.25
CA VAL A 131 7.75 19.82 -0.70
C VAL A 131 6.92 19.33 0.50
N CYS A 132 7.60 18.87 1.55
CA CYS A 132 6.91 18.47 2.78
C CYS A 132 6.21 19.63 3.43
N LYS A 133 6.89 20.74 3.50
CA LYS A 133 6.30 21.90 4.10
C LYS A 133 5.13 22.36 3.24
N LEU A 134 5.34 22.49 1.94
CA LEU A 134 4.27 22.92 1.06
C LEU A 134 3.03 22.03 1.23
N PHE A 135 3.23 20.71 1.24
CA PHE A 135 2.09 19.78 1.29
C PHE A 135 1.41 19.70 2.65
N SER A 136 1.91 20.45 3.63
CA SER A 136 1.30 20.44 4.95
C SER A 136 1.11 21.83 5.53
N ALA A 137 1.01 22.86 4.67
CA ALA A 137 0.74 24.26 5.09
C ALA A 137 0.06 24.42 6.47
N SER B 4 20.77 47.09 -1.40
CA SER B 4 20.34 45.89 -2.20
C SER B 4 20.09 44.64 -1.32
N GLU B 5 20.82 44.55 -0.21
CA GLU B 5 20.50 43.69 0.97
C GLU B 5 19.75 42.37 0.71
N GLN B 6 20.51 41.30 0.47
CA GLN B 6 19.98 40.01 -0.01
C GLN B 6 18.95 39.37 0.92
N TYR B 7 19.37 38.53 1.87
CA TYR B 7 18.46 37.55 2.50
C TYR B 7 17.73 37.99 3.75
N SER B 8 16.55 37.44 3.96
CA SER B 8 15.66 37.77 5.04
C SER B 8 14.89 36.53 5.47
N THR B 9 14.24 36.61 6.63
CA THR B 9 13.45 35.51 7.14
C THR B 9 11.97 35.88 7.34
N GLU B 10 11.56 37.07 6.91
CA GLU B 10 10.18 37.52 7.09
C GLU B 10 9.33 37.38 5.83
N ILE B 11 8.08 37.01 6.05
CA ILE B 11 7.11 36.83 5.00
C ILE B 11 6.65 38.23 4.60
N PRO B 12 6.76 38.58 3.30
CA PRO B 12 6.49 39.97 2.91
C PRO B 12 5.11 40.33 3.42
N ALA B 13 4.99 41.46 4.11
CA ALA B 13 3.75 41.74 4.85
C ALA B 13 2.54 41.85 3.96
N PHE B 14 2.71 42.54 2.84
CA PHE B 14 1.61 42.82 1.88
C PHE B 14 0.91 41.55 1.39
N LEU B 15 1.62 40.43 1.44
CA LEU B 15 1.04 39.20 1.01
C LEU B 15 0.11 38.66 2.07
N THR B 16 -0.11 39.43 3.15
CA THR B 16 -1.04 39.00 4.22
C THR B 16 -2.32 39.86 4.31
N SER B 17 -3.49 39.17 4.39
CA SER B 17 -4.81 39.70 4.87
C SER B 17 -5.83 40.34 3.90
N ASN B 18 -5.49 41.48 3.30
CA ASN B 18 -6.45 42.19 2.44
C ASN B 18 -6.43 41.71 0.98
N THR B 19 -5.22 41.39 0.50
CA THR B 19 -5.01 40.55 -0.69
C THR B 19 -5.64 40.97 -2.05
N LEU B 20 -6.88 40.54 -2.28
CA LEU B 20 -7.41 40.28 -3.63
C LEU B 20 -7.56 41.44 -4.64
N GLN B 21 -7.37 42.70 -4.20
CA GLN B 21 -7.52 43.87 -5.13
C GLN B 21 -6.83 43.56 -6.47
N GLU B 22 -7.66 43.54 -7.52
CA GLU B 22 -7.27 43.01 -8.84
C GLU B 22 -6.04 43.67 -9.46
N LEU B 23 -5.52 44.68 -8.75
CA LEU B 23 -4.16 45.17 -8.88
C LEU B 23 -3.27 43.94 -8.71
N LYS B 24 -3.83 42.79 -9.11
CA LYS B 24 -3.13 41.52 -9.08
C LYS B 24 -1.71 41.83 -9.41
N LEU B 25 -1.06 42.39 -8.39
CA LEU B 25 0.36 42.33 -8.30
C LEU B 25 0.71 41.37 -9.41
N PRO B 26 1.64 41.76 -10.28
CA PRO B 26 1.89 41.18 -11.58
C PRO B 26 1.46 39.74 -11.73
N LYS B 27 1.18 39.31 -12.94
CA LYS B 27 1.11 37.89 -13.16
C LYS B 27 2.53 37.29 -13.23
N PRO B 28 2.67 35.99 -12.93
CA PRO B 28 3.94 35.28 -13.18
C PRO B 28 4.19 35.12 -14.65
N PRO B 29 5.44 34.93 -15.07
CA PRO B 29 5.70 34.65 -16.49
C PRO B 29 5.05 33.33 -16.98
N SER B 30 4.63 33.27 -18.24
CA SER B 30 4.31 32.00 -18.88
C SER B 30 5.46 30.98 -18.86
N LEU B 31 5.10 29.70 -18.79
CA LEU B 31 6.01 28.58 -18.89
C LEU B 31 6.72 28.57 -20.23
N PRO B 32 8.05 28.69 -20.22
CA PRO B 32 8.67 28.59 -21.55
C PRO B 32 8.70 27.13 -22.08
N PRO B 33 8.70 26.97 -23.42
CA PRO B 33 8.68 25.65 -24.05
C PRO B 33 9.70 24.62 -23.51
N HIS B 34 10.89 25.08 -23.12
CA HIS B 34 11.90 24.12 -22.65
C HIS B 34 11.60 23.41 -21.31
N LEU B 35 10.70 23.96 -20.51
CA LEU B 35 10.32 23.34 -19.24
C LEU B 35 9.08 22.43 -19.44
N GLU B 36 8.59 22.36 -20.67
CA GLU B 36 7.39 21.59 -21.02
C GLU B 36 7.65 20.08 -21.03
N LYS B 37 8.90 19.68 -21.16
CA LYS B 37 9.20 18.24 -21.19
C LYS B 37 10.48 17.78 -20.48
N CYS B 38 10.33 16.79 -19.63
CA CYS B 38 11.43 16.23 -18.86
C CYS B 38 12.04 14.99 -19.56
N ILE B 39 13.37 14.91 -19.67
CA ILE B 39 14.00 13.70 -20.27
C ILE B 39 13.81 12.35 -19.56
N LEU B 40 13.30 12.35 -18.34
CA LEU B 40 12.93 11.08 -17.74
C LEU B 40 11.63 10.51 -18.35
N ASN B 41 10.82 11.37 -18.97
CA ASN B 41 9.53 10.93 -19.53
C ASN B 41 9.65 10.15 -20.80
N SER B 42 10.84 10.15 -21.35
CA SER B 42 11.00 9.60 -22.65
C SER B 42 11.79 8.34 -22.38
N ASN B 43 11.19 7.44 -21.60
CA ASN B 43 11.77 6.12 -21.34
C ASN B 43 12.10 5.47 -22.68
N THR B 44 13.15 6.00 -23.29
CA THR B 44 13.77 5.50 -24.49
C THR B 44 14.33 4.16 -24.00
N ALA B 45 13.77 3.08 -24.53
CA ALA B 45 13.97 1.74 -23.95
C ALA B 45 15.05 0.92 -24.63
N TYR B 46 15.35 1.24 -25.89
CA TYR B 46 16.32 0.49 -26.72
C TYR B 46 15.95 -1.01 -26.69
N LYS B 47 16.93 -1.87 -26.44
CA LYS B 47 16.64 -3.20 -25.91
C LYS B 47 17.75 -3.62 -24.93
N GLU B 48 18.96 -3.11 -25.19
CA GLU B 48 20.01 -3.13 -24.16
C GLU B 48 19.81 -1.98 -23.15
N ASP B 49 20.81 -1.11 -23.03
CA ASP B 49 20.94 -0.21 -21.90
C ASP B 49 19.65 0.48 -21.53
N GLN B 50 19.13 0.20 -20.36
CA GLN B 50 17.89 0.88 -19.97
C GLN B 50 18.13 2.15 -19.15
N SER B 51 19.37 2.36 -18.72
CA SER B 51 19.74 3.60 -18.02
C SER B 51 19.95 4.75 -18.99
N VAL B 52 20.09 4.43 -20.28
CA VAL B 52 20.44 5.43 -21.27
C VAL B 52 19.31 6.46 -21.47
N LEU B 53 19.68 7.72 -21.67
CA LEU B 53 18.77 8.85 -21.79
C LEU B 53 19.24 9.75 -22.93
N PRO B 54 18.31 10.53 -23.54
CA PRO B 54 18.76 11.58 -24.46
C PRO B 54 19.59 12.61 -23.69
N ASN B 55 20.54 13.28 -24.37
CA ASN B 55 21.37 14.30 -23.72
C ASN B 55 20.50 15.41 -23.31
N PRO B 56 20.69 15.97 -22.08
CA PRO B 56 19.67 16.89 -21.62
C PRO B 56 19.86 18.25 -22.26
N ASN B 57 18.99 19.18 -21.88
CA ASN B 57 19.14 20.55 -22.26
C ASN B 57 19.97 21.25 -21.17
N HIS B 58 21.09 21.82 -21.60
CA HIS B 58 22.01 22.54 -20.72
C HIS B 58 21.34 23.53 -19.79
N VAL B 59 20.29 24.21 -20.23
CA VAL B 59 19.65 25.17 -19.35
C VAL B 59 18.68 24.53 -18.33
N LEU B 60 18.54 23.22 -18.37
CA LEU B 60 17.74 22.56 -17.37
C LEU B 60 18.58 21.77 -16.35
N LEU B 61 19.92 21.80 -16.50
CA LEU B 61 20.81 21.18 -15.49
C LEU B 61 20.46 21.66 -14.08
N ASN B 62 20.30 20.76 -13.13
CA ASN B 62 20.10 21.17 -11.73
C ASN B 62 18.69 21.78 -11.41
N HIS B 63 17.73 21.53 -12.29
CA HIS B 63 16.36 21.90 -12.02
C HIS B 63 15.68 20.67 -11.45
N LEU B 64 14.91 20.88 -10.38
CA LEU B 64 14.06 19.84 -9.80
C LEU B 64 13.01 19.34 -10.82
N ALA B 65 12.80 18.02 -10.85
CA ALA B 65 11.65 17.39 -11.53
C ALA B 65 10.96 16.39 -10.57
N ALA B 66 9.66 16.18 -10.75
CA ALA B 66 8.88 15.40 -9.79
C ALA B 66 7.89 14.46 -10.54
N ALA B 67 7.44 13.42 -9.86
CA ALA B 67 6.40 12.52 -10.37
C ALA B 67 5.52 11.99 -9.20
N ASN B 68 4.20 11.95 -9.37
CA ASN B 68 3.30 11.27 -8.43
C ASN B 68 3.67 9.79 -8.37
N THR B 69 3.68 9.18 -7.19
CA THR B 69 4.08 7.75 -7.14
C THR B 69 3.00 6.71 -6.86
N GLN B 70 1.88 7.15 -6.27
CA GLN B 70 0.81 6.22 -5.90
C GLN B 70 1.25 5.28 -4.80
N LEU B 71 2.32 5.66 -4.09
CA LEU B 71 2.91 4.81 -3.07
C LEU B 71 3.28 5.53 -1.79
N GLY B 72 2.91 6.81 -1.68
CA GLY B 72 3.20 7.56 -0.46
C GLY B 72 4.65 7.96 -0.29
N VAL B 73 5.43 7.95 -1.36
CA VAL B 73 6.80 8.47 -1.29
C VAL B 73 7.06 9.57 -2.34
N LEU B 74 8.00 10.44 -2.07
CA LEU B 74 8.38 11.49 -3.03
C LEU B 74 9.29 10.90 -4.08
N ALA B 75 9.06 11.26 -5.32
CA ALA B 75 9.95 10.92 -6.40
C ALA B 75 10.50 12.23 -6.96
N LEU B 76 11.79 12.47 -6.73
CA LEU B 76 12.40 13.71 -7.12
C LEU B 76 13.63 13.49 -7.96
N SER B 77 13.86 14.32 -8.96
CA SER B 77 15.09 14.13 -9.75
C SER B 77 15.69 15.43 -10.23
N ALA B 78 16.95 15.36 -10.60
CA ALA B 78 17.74 16.49 -11.09
C ALA B 78 18.87 15.94 -11.94
N THR B 79 19.24 16.66 -12.99
CA THR B 79 20.31 16.23 -13.92
C THR B 79 21.51 17.12 -13.73
N THR B 80 22.64 16.47 -13.62
CA THR B 80 23.90 17.12 -13.30
C THR B 80 24.99 16.65 -14.28
N ARG B 81 26.09 17.40 -14.36
CA ARG B 81 27.21 17.00 -15.22
C ARG B 81 28.29 16.31 -14.36
N TYR B 82 28.71 15.10 -14.75
CA TYR B 82 29.88 14.49 -14.13
C TYR B 82 30.92 14.50 -15.19
N HIS B 83 31.98 15.27 -14.96
CA HIS B 83 33.00 15.49 -15.94
C HIS B 83 32.39 15.96 -17.28
N ARG B 84 32.30 15.10 -18.28
CA ARG B 84 31.71 15.43 -19.58
C ARG B 84 30.48 14.62 -19.89
N LYS B 85 29.83 14.02 -19.00
CA LYS B 85 28.67 13.14 -19.15
C LYS B 85 27.56 13.53 -18.19
N TYR B 86 26.37 13.07 -18.28
CA TYR B 86 25.24 13.53 -17.49
C TYR B 86 24.55 12.44 -16.73
N VAL B 87 24.26 12.79 -15.49
CA VAL B 87 23.62 11.91 -14.51
C VAL B 87 22.29 12.50 -14.10
N THR B 88 21.22 11.81 -14.43
CA THR B 88 19.93 12.17 -13.90
C THR B 88 19.71 11.18 -12.76
N THR B 89 19.71 11.69 -11.53
CA THR B 89 19.42 10.82 -10.44
C THR B 89 17.98 10.98 -10.02
N ALA B 90 17.22 9.89 -10.00
CA ALA B 90 15.86 9.89 -9.46
C ALA B 90 15.83 9.31 -8.06
N MET B 91 15.53 10.14 -7.08
CA MET B 91 15.41 9.68 -5.71
C MET B 91 13.96 9.35 -5.29
N PHE B 92 13.78 8.20 -4.60
CA PHE B 92 12.53 7.84 -3.94
C PHE B 92 12.67 7.89 -2.44
N LYS B 93 11.88 8.74 -1.81
CA LYS B 93 12.12 9.14 -0.44
C LYS B 93 10.82 9.22 0.35
N ASN B 94 10.88 8.78 1.60
CA ASN B 94 9.74 8.98 2.51
C ASN B 94 9.45 10.44 2.74
N PHE B 95 8.20 10.77 3.05
CA PHE B 95 7.81 12.13 3.43
C PHE B 95 8.31 12.57 4.81
N ASP B 96 7.58 13.47 5.46
CA ASP B 96 7.75 13.83 6.91
C ASP B 96 9.04 14.57 7.19
N MET C 1 49.42 -18.36 -34.00
CA MET C 1 50.59 -18.89 -33.24
C MET C 1 50.18 -20.08 -32.36
N ASP C 2 49.04 -20.69 -32.69
CA ASP C 2 48.43 -21.76 -31.87
C ASP C 2 47.33 -21.17 -30.98
N VAL C 3 46.20 -21.86 -30.91
CA VAL C 3 45.00 -21.29 -30.29
C VAL C 3 45.25 -20.82 -28.86
N GLN C 4 45.97 -21.65 -28.12
CA GLN C 4 46.34 -21.40 -26.74
C GLN C 4 47.16 -20.12 -26.63
N GLU C 5 48.34 -20.08 -27.24
CA GLU C 5 49.23 -18.92 -27.17
C GLU C 5 48.60 -17.65 -27.74
N THR C 6 47.74 -17.82 -28.72
CA THR C 6 46.94 -16.70 -29.24
C THR C 6 45.99 -16.08 -28.16
N GLN C 7 45.20 -16.92 -27.48
CA GLN C 7 44.33 -16.47 -26.40
C GLN C 7 45.15 -15.75 -25.32
N LYS C 8 46.25 -16.38 -24.92
CA LYS C 8 47.27 -15.80 -24.02
C LYS C 8 47.62 -14.36 -24.42
N GLY C 9 47.77 -14.11 -25.72
CA GLY C 9 48.15 -12.82 -26.19
C GLY C 9 46.99 -11.86 -26.25
N ALA C 10 45.81 -12.34 -26.61
CA ALA C 10 44.64 -11.47 -26.66
C ALA C 10 44.30 -10.95 -25.23
N LEU C 11 44.35 -11.87 -24.26
CA LEU C 11 44.02 -11.52 -22.91
C LEU C 11 44.93 -10.39 -22.49
N LYS C 12 46.24 -10.56 -22.71
CA LYS C 12 47.19 -9.51 -22.37
C LYS C 12 46.77 -8.16 -22.92
N GLU C 13 46.23 -8.12 -24.14
CA GLU C 13 45.78 -6.85 -24.71
C GLU C 13 44.54 -6.31 -23.99
N ILE C 14 43.61 -7.23 -23.71
CA ILE C 14 42.36 -6.88 -23.06
C ILE C 14 42.67 -6.32 -21.68
N GLN C 15 43.58 -6.97 -20.98
CA GLN C 15 43.96 -6.56 -19.67
C GLN C 15 44.55 -5.16 -19.70
N ALA C 16 45.38 -4.90 -20.70
CA ALA C 16 46.02 -3.60 -20.89
C ALA C 16 44.97 -2.53 -21.21
N PHE C 17 43.92 -2.91 -21.92
CA PHE C 17 42.91 -1.96 -22.27
C PHE C 17 42.10 -1.60 -21.03
N ILE C 18 41.86 -2.60 -20.16
CA ILE C 18 41.01 -2.40 -18.96
C ILE C 18 41.67 -1.46 -17.95
N ARG C 19 42.96 -1.63 -17.71
CA ARG C 19 43.70 -0.52 -17.12
C ARG C 19 44.00 0.27 -18.34
N SER C 20 43.86 1.57 -18.27
CA SER C 20 43.89 2.41 -19.48
C SER C 20 42.54 3.06 -19.59
N ARG C 21 41.50 2.35 -19.19
CA ARG C 21 40.16 2.91 -19.11
C ARG C 21 39.81 3.10 -17.66
N THR C 22 38.99 4.10 -17.40
CA THR C 22 38.30 4.25 -16.13
C THR C 22 36.90 3.63 -16.22
N SER C 23 36.31 3.33 -15.07
CA SER C 23 34.89 2.94 -14.99
C SER C 23 34.03 3.97 -15.68
N TYR C 24 34.36 5.26 -15.48
CA TYR C 24 33.67 6.36 -16.14
C TYR C 24 33.54 6.16 -17.63
N ASP C 25 34.54 5.55 -18.26
CA ASP C 25 34.54 5.37 -19.72
C ASP C 25 33.40 4.45 -20.11
N VAL C 26 32.99 3.60 -19.19
CA VAL C 26 31.90 2.65 -19.47
C VAL C 26 30.51 3.33 -19.59
N LEU C 27 30.33 4.50 -19.02
CA LEU C 27 29.01 5.05 -18.88
C LEU C 27 28.50 5.62 -20.22
N PRO C 28 27.17 5.63 -20.44
CA PRO C 28 26.66 6.34 -21.63
C PRO C 28 26.82 7.80 -21.40
N THR C 29 26.70 8.61 -22.44
CA THR C 29 26.87 10.05 -22.22
C THR C 29 25.71 10.67 -21.43
N SER C 30 24.51 10.11 -21.54
CA SER C 30 23.37 10.54 -20.69
C SER C 30 22.65 9.37 -20.05
N PHE C 31 22.57 9.35 -18.73
CA PHE C 31 22.02 8.15 -18.09
C PHE C 31 21.25 8.49 -16.85
N ARG C 32 20.29 7.60 -16.56
CA ARG C 32 19.49 7.57 -15.37
C ARG C 32 20.23 6.84 -14.26
N LEU C 33 20.08 7.34 -13.04
CA LEU C 33 20.44 6.62 -11.83
C LEU C 33 19.27 6.73 -10.86
N ILE C 34 18.67 5.61 -10.50
CA ILE C 34 17.62 5.54 -9.49
C ILE C 34 18.17 5.23 -8.10
N VAL C 35 17.81 6.06 -7.12
CA VAL C 35 18.31 5.92 -5.75
C VAL C 35 17.18 5.73 -4.75
N PHE C 36 17.41 4.91 -3.72
CA PHE C 36 16.40 4.65 -2.68
C PHE C 36 16.89 5.14 -1.33
N ASP C 37 16.05 5.92 -0.66
CA ASP C 37 16.21 6.25 0.76
C ASP C 37 16.34 4.94 1.59
N VAL C 38 17.30 4.84 2.53
CA VAL C 38 17.41 3.59 3.35
C VAL C 38 16.26 3.32 4.32
N THR C 39 15.41 4.31 4.54
CA THR C 39 14.30 4.16 5.46
C THR C 39 12.99 3.77 4.74
N LEU C 40 13.04 3.45 3.44
CA LEU C 40 11.84 3.01 2.73
C LEU C 40 11.45 1.63 3.22
N PHE C 41 10.14 1.40 3.33
CA PHE C 41 9.66 0.08 3.65
C PHE C 41 10.02 -0.88 2.53
N VAL C 42 10.30 -2.12 2.91
CA VAL C 42 10.50 -3.23 1.98
C VAL C 42 9.38 -3.31 0.92
N LYS C 43 8.16 -3.06 1.39
CA LYS C 43 6.96 -3.12 0.58
C LYS C 43 7.06 -2.17 -0.59
N THR C 44 7.42 -0.93 -0.31
CA THR C 44 7.50 0.11 -1.35
C THR C 44 8.67 -0.18 -2.27
N SER C 45 9.77 -0.65 -1.69
CA SER C 45 10.94 -0.97 -2.50
C SER C 45 10.66 -1.93 -3.60
N LEU C 46 10.04 -3.05 -3.26
CA LEU C 46 9.74 -4.08 -4.26
C LEU C 46 8.84 -3.53 -5.35
N SER C 47 7.85 -2.73 -4.99
CA SER C 47 7.00 -2.10 -5.98
C SER C 47 7.83 -1.21 -6.89
N LEU C 48 8.64 -0.35 -6.29
CA LEU C 48 9.44 0.58 -7.06
C LEU C 48 10.40 -0.17 -7.98
N LEU C 49 11.07 -1.22 -7.50
CA LEU C 49 12.00 -1.94 -8.38
C LEU C 49 11.24 -2.51 -9.55
N THR C 50 10.09 -3.13 -9.23
CA THR C 50 9.20 -3.69 -10.23
C THR C 50 8.75 -2.70 -11.29
N LEU C 51 8.30 -1.50 -10.93
CA LEU C 51 7.80 -0.64 -12.01
C LEU C 51 8.81 0.20 -12.74
N ASN C 52 10.07 0.16 -12.31
CA ASN C 52 11.12 0.88 -13.02
C ASN C 52 12.01 -0.11 -13.80
N ASN C 53 11.56 -1.37 -13.83
CA ASN C 53 12.20 -2.44 -14.53
C ASN C 53 13.63 -2.65 -14.16
N ILE C 54 13.91 -2.66 -12.86
CA ILE C 54 15.26 -2.74 -12.36
C ILE C 54 15.31 -3.84 -11.32
N VAL C 55 16.49 -4.36 -11.01
CA VAL C 55 16.59 -5.42 -10.00
C VAL C 55 17.51 -5.06 -8.81
N SER C 56 17.94 -3.80 -8.77
CA SER C 56 18.64 -3.29 -7.61
C SER C 56 18.69 -1.78 -7.65
N ALA C 57 19.09 -1.19 -6.53
CA ALA C 57 19.19 0.25 -6.39
C ALA C 57 20.17 0.56 -5.29
N PRO C 58 21.04 1.56 -5.48
CA PRO C 58 21.84 2.07 -4.35
C PRO C 58 20.97 2.69 -3.28
N LEU C 59 21.39 2.59 -2.03
CA LEU C 59 20.67 3.21 -0.94
C LEU C 59 21.30 4.54 -0.53
N TRP C 60 20.47 5.49 -0.14
CA TRP C 60 20.96 6.81 0.25
C TRP C 60 20.56 7.05 1.67
N ASP C 61 21.55 7.39 2.51
CA ASP C 61 21.26 7.81 3.88
C ASP C 61 21.33 9.34 4.01
N SER C 62 20.18 9.94 4.24
CA SER C 62 19.94 11.32 3.83
C SER C 62 19.97 12.28 5.02
N GLU C 63 20.28 11.74 6.19
CA GLU C 63 20.76 12.55 7.30
C GLU C 63 22.25 12.83 7.18
N ALA C 64 23.00 11.81 6.76
CA ALA C 64 24.42 11.89 6.66
C ALA C 64 24.82 12.39 5.27
N ASN C 65 23.93 12.25 4.29
CA ASN C 65 24.27 12.43 2.86
C ASN C 65 25.36 11.42 2.42
N LYS C 66 25.11 10.15 2.74
CA LYS C 66 26.03 9.08 2.45
C LYS C 66 25.36 7.90 1.80
N PHE C 67 25.98 7.40 0.73
CA PHE C 67 25.70 6.09 0.21
C PHE C 67 25.54 5.12 1.36
N ALA C 68 24.57 4.22 1.29
CA ALA C 68 24.25 3.36 2.44
C ALA C 68 24.16 1.89 2.07
N GLY C 69 24.74 1.50 0.94
CA GLY C 69 24.71 0.12 0.48
C GLY C 69 23.89 -0.12 -0.77
N LEU C 70 24.01 -1.32 -1.28
CA LEU C 70 23.35 -1.65 -2.51
C LEU C 70 22.19 -2.62 -2.27
N LEU C 71 20.98 -2.28 -2.70
CA LEU C 71 19.88 -3.23 -2.57
C LEU C 71 19.85 -4.15 -3.79
N THR C 72 19.84 -5.46 -3.55
CA THR C 72 19.72 -6.47 -4.59
C THR C 72 18.77 -7.61 -4.13
N MET C 73 18.49 -8.54 -5.05
CA MET C 73 17.61 -9.64 -4.72
C MET C 73 18.23 -10.52 -3.64
N ALA C 74 19.54 -10.65 -3.62
CA ALA C 74 20.18 -11.32 -2.49
C ALA C 74 19.64 -10.85 -1.12
N ASP C 75 19.37 -9.54 -0.94
CA ASP C 75 18.86 -9.09 0.35
C ASP C 75 17.53 -9.76 0.68
N PHE C 76 16.61 -9.82 -0.26
CA PHE C 76 15.33 -10.40 0.09
C PHE C 76 15.48 -11.92 0.26
N VAL C 77 16.13 -12.55 -0.71
CA VAL C 77 16.44 -13.97 -0.61
C VAL C 77 17.05 -14.42 0.75
N ASN C 78 17.96 -13.64 1.29
CA ASN C 78 18.61 -14.05 2.53
C ASN C 78 17.61 -14.01 3.69
N VAL C 79 16.78 -12.97 3.74
CA VAL C 79 15.91 -12.78 4.89
C VAL C 79 14.67 -13.67 4.81
N ILE C 80 14.16 -13.86 3.61
CA ILE C 80 13.07 -14.81 3.43
C ILE C 80 13.57 -16.16 3.95
N LYS C 81 14.75 -16.55 3.50
CA LYS C 81 15.32 -17.84 3.83
C LYS C 81 15.50 -17.96 5.31
N TYR C 82 16.01 -16.92 5.95
CA TYR C 82 16.16 -16.96 7.39
C TYR C 82 14.82 -17.24 8.04
N TYR C 83 13.84 -16.43 7.66
CA TYR C 83 12.48 -16.50 8.16
C TYR C 83 11.80 -17.85 7.95
N TYR C 84 11.98 -18.46 6.77
CA TYR C 84 11.39 -19.77 6.50
C TYR C 84 11.88 -20.87 7.41
N GLN C 85 13.15 -20.79 7.80
CA GLN C 85 13.78 -21.83 8.60
C GLN C 85 13.38 -21.74 10.05
N SER C 86 13.16 -20.54 10.57
CA SER C 86 13.06 -20.36 12.01
C SER C 86 11.66 -20.16 12.57
N SER C 87 10.66 -19.96 11.71
CA SER C 87 9.28 -19.77 12.16
C SER C 87 8.44 -21.02 11.93
N SER C 88 7.55 -21.33 12.87
CA SER C 88 6.61 -22.45 12.68
C SER C 88 5.35 -21.96 11.97
N PHE C 89 5.22 -20.64 11.87
CA PHE C 89 4.05 -20.03 11.30
C PHE C 89 4.31 -19.36 9.96
N PRO C 90 3.77 -19.95 8.89
CA PRO C 90 3.99 -19.55 7.51
C PRO C 90 3.64 -18.10 7.21
N GLU C 91 2.49 -17.61 7.66
CA GLU C 91 2.05 -16.29 7.25
C GLU C 91 2.78 -15.18 8.01
N ALA C 92 3.68 -15.56 8.92
CA ALA C 92 4.51 -14.57 9.58
C ALA C 92 5.46 -13.89 8.59
N ILE C 93 5.94 -14.63 7.61
CA ILE C 93 6.89 -14.12 6.62
C ILE C 93 6.49 -12.75 6.04
N ALA C 94 5.18 -12.55 5.86
CA ALA C 94 4.67 -11.34 5.21
C ALA C 94 4.99 -10.07 6.00
N GLU C 95 5.40 -10.23 7.23
CA GLU C 95 5.82 -9.08 8.01
C GLU C 95 7.10 -8.41 7.48
N ILE C 96 7.81 -9.09 6.58
CA ILE C 96 9.02 -8.58 5.95
C ILE C 96 8.73 -7.28 5.25
N ASP C 97 7.58 -7.22 4.56
CA ASP C 97 7.03 -6.02 3.93
C ASP C 97 7.11 -4.74 4.76
N LYS C 98 6.91 -4.85 6.08
CA LYS C 98 6.96 -3.70 7.02
C LYS C 98 8.35 -3.34 7.55
N PHE C 99 9.35 -4.22 7.33
CA PHE C 99 10.75 -3.81 7.53
C PHE C 99 11.14 -2.60 6.67
N ARG C 100 11.98 -1.73 7.21
CA ARG C 100 12.58 -0.68 6.37
C ARG C 100 13.87 -1.22 5.82
N LEU C 101 14.37 -0.60 4.77
CA LEU C 101 15.56 -1.17 4.13
C LEU C 101 16.70 -1.28 5.14
N LEU C 102 16.79 -0.31 6.04
CA LEU C 102 17.76 -0.33 7.12
C LEU C 102 17.71 -1.60 8.00
N GLY C 103 16.54 -1.93 8.53
CA GLY C 103 16.40 -3.13 9.37
C GLY C 103 16.54 -4.44 8.62
N LEU C 104 16.38 -4.37 7.30
CA LEU C 104 16.54 -5.55 6.47
C LEU C 104 18.03 -5.80 6.37
N ARG C 105 18.78 -4.71 6.30
CA ARG C 105 20.23 -4.87 6.28
C ARG C 105 20.67 -5.28 7.70
N GLU C 106 19.97 -4.76 8.71
CA GLU C 106 20.27 -5.14 10.09
C GLU C 106 20.06 -6.64 10.29
N VAL C 107 18.92 -7.17 9.87
CA VAL C 107 18.71 -8.61 10.00
C VAL C 107 19.88 -9.32 9.33
N GLU C 108 20.10 -9.07 8.05
CA GLU C 108 21.18 -9.73 7.32
C GLU C 108 22.53 -9.65 8.02
N ARG C 109 22.71 -8.62 8.85
CA ARG C 109 23.96 -8.41 9.57
C ARG C 109 24.09 -9.39 10.74
N LYS C 110 23.07 -9.44 11.59
CA LYS C 110 23.07 -10.34 12.71
C LYS C 110 23.49 -11.71 12.19
N ILE C 111 22.62 -12.35 11.41
CA ILE C 111 22.86 -13.68 10.81
C ILE C 111 24.08 -13.73 9.87
N GLY C 112 24.76 -12.59 9.71
CA GLY C 112 26.08 -12.52 9.07
C GLY C 112 26.11 -12.78 7.59
N ALA C 113 25.00 -12.50 6.91
CA ALA C 113 24.82 -12.76 5.47
C ALA C 113 25.34 -11.61 4.62
N ILE C 114 25.92 -10.63 5.29
CA ILE C 114 26.27 -9.35 4.70
C ILE C 114 27.62 -8.89 5.28
N PRO C 115 28.54 -8.45 4.39
CA PRO C 115 29.80 -7.77 4.76
C PRO C 115 29.55 -6.53 5.62
N PRO C 116 30.59 -6.01 6.30
CA PRO C 116 30.40 -4.75 7.02
C PRO C 116 30.39 -3.48 6.11
N GLU C 117 31.49 -3.20 5.41
CA GLU C 117 31.58 -1.94 4.67
C GLU C 117 31.02 -1.95 3.23
N THR C 118 30.63 -0.75 2.82
CA THR C 118 29.90 -0.49 1.60
C THR C 118 30.91 -0.39 0.43
N ILE C 119 31.18 -1.52 -0.20
CA ILE C 119 32.13 -1.64 -1.35
C ILE C 119 31.93 -0.63 -2.52
N TYR C 120 33.01 0.02 -2.98
CA TYR C 120 32.91 1.06 -4.02
C TYR C 120 34.22 1.37 -4.73
N VAL C 121 34.14 2.05 -5.87
CA VAL C 121 35.31 2.74 -6.43
C VAL C 121 35.00 4.20 -6.82
N HIS C 122 36.06 5.00 -6.92
CA HIS C 122 36.03 6.30 -7.58
C HIS C 122 35.73 6.10 -9.06
N PRO C 123 34.88 6.95 -9.63
CA PRO C 123 34.56 6.80 -11.04
C PRO C 123 35.80 6.93 -11.96
N MET C 124 36.82 7.68 -11.53
CA MET C 124 38.06 7.81 -12.29
C MET C 124 39.23 6.85 -11.93
N HIS C 125 39.09 5.94 -10.97
CA HIS C 125 40.05 4.85 -10.82
C HIS C 125 39.99 4.07 -12.09
N SER C 126 41.07 3.36 -12.38
CA SER C 126 41.12 2.36 -13.43
C SER C 126 39.92 1.37 -13.51
N LEU C 127 39.46 1.06 -14.72
CA LEU C 127 38.41 0.04 -14.82
C LEU C 127 38.87 -1.28 -14.15
N MET C 128 40.16 -1.54 -14.22
CA MET C 128 40.74 -2.76 -13.64
C MET C 128 40.52 -2.81 -12.14
N ASP C 129 40.66 -1.66 -11.48
CA ASP C 129 40.45 -1.57 -10.04
C ASP C 129 39.03 -1.88 -9.62
N ALA C 130 38.06 -1.45 -10.43
CA ALA C 130 36.65 -1.82 -10.20
C ALA C 130 36.45 -3.29 -10.44
N CYS C 131 37.13 -3.86 -11.44
CA CYS C 131 36.96 -5.28 -11.69
C CYS C 131 37.52 -6.07 -10.54
N LEU C 132 38.68 -5.63 -10.05
CA LEU C 132 39.33 -6.33 -8.95
C LEU C 132 38.44 -6.28 -7.71
N ALA C 133 37.90 -5.10 -7.42
CA ALA C 133 37.08 -4.93 -6.25
C ALA C 133 35.79 -5.75 -6.31
N MET C 134 35.24 -5.91 -7.51
CA MET C 134 34.02 -6.67 -7.65
C MET C 134 34.40 -8.10 -7.35
N SER C 135 35.52 -8.50 -7.91
CA SER C 135 36.00 -9.85 -7.77
C SER C 135 36.39 -10.17 -6.32
N LYS C 136 36.92 -9.18 -5.63
CA LYS C 136 37.37 -9.29 -4.24
C LYS C 136 36.20 -9.64 -3.30
N SER C 137 35.07 -8.96 -3.42
CA SER C 137 33.84 -9.46 -2.79
C SER C 137 33.14 -10.40 -3.75
N ARG C 138 31.82 -10.33 -3.79
CA ARG C 138 31.04 -10.91 -4.88
C ARG C 138 30.47 -9.72 -5.62
N ALA C 139 29.88 -8.83 -4.85
CA ALA C 139 29.23 -7.63 -5.38
C ALA C 139 28.25 -7.89 -6.56
N ARG C 140 28.77 -8.47 -7.66
CA ARG C 140 28.13 -8.45 -8.98
C ARG C 140 28.02 -7.06 -9.56
N ARG C 141 27.96 -6.04 -8.71
CA ARG C 141 27.76 -4.64 -9.10
C ARG C 141 28.64 -3.80 -8.23
N ILE C 142 29.18 -2.72 -8.77
CA ILE C 142 29.94 -1.87 -7.88
C ILE C 142 29.53 -0.44 -8.10
N PRO C 143 29.22 0.29 -7.00
CA PRO C 143 28.96 1.71 -7.08
C PRO C 143 30.23 2.53 -7.36
N LEU C 144 30.09 3.45 -8.31
CA LEU C 144 31.09 4.46 -8.65
C LEU C 144 30.73 5.69 -7.86
N ILE C 145 31.53 6.00 -6.85
CA ILE C 145 31.20 7.07 -5.92
C ILE C 145 32.34 8.06 -5.82
N ASP C 146 31.96 9.32 -5.70
CA ASP C 146 32.89 10.41 -5.55
C ASP C 146 32.39 11.20 -4.34
N VAL C 147 33.18 12.15 -3.84
CA VAL C 147 32.69 13.04 -2.82
C VAL C 147 32.87 14.49 -3.23
N ASP C 148 32.05 15.35 -2.64
CA ASP C 148 32.06 16.75 -2.94
C ASP C 148 32.82 17.52 -1.85
N GLY C 149 34.02 17.95 -2.13
CA GLY C 149 34.82 18.61 -1.12
C GLY C 149 34.06 19.74 -0.46
N GLU C 150 33.12 20.36 -1.17
CA GLU C 150 32.46 21.52 -0.59
C GLU C 150 31.54 21.16 0.56
N THR C 151 30.97 19.96 0.55
CA THR C 151 29.89 19.57 1.45
C THR C 151 30.10 18.22 2.16
N GLY C 152 31.07 17.43 1.68
CA GLY C 152 31.25 16.07 2.20
C GLY C 152 30.12 15.12 1.80
N SER C 153 29.21 15.57 0.95
CA SER C 153 28.24 14.66 0.37
C SER C 153 28.88 13.66 -0.57
N GLU C 154 28.52 12.41 -0.41
CA GLU C 154 28.99 11.41 -1.35
C GLU C 154 28.18 11.54 -2.66
N MET C 155 28.83 11.45 -3.80
CA MET C 155 28.09 11.55 -5.04
C MET C 155 28.05 10.16 -5.69
N ILE C 156 26.87 9.55 -5.79
CA ILE C 156 26.78 8.26 -6.42
C ILE C 156 26.66 8.57 -7.88
N VAL C 157 27.69 8.29 -8.65
CA VAL C 157 27.61 8.65 -10.03
C VAL C 157 26.81 7.57 -10.73
N SER C 158 27.12 6.34 -10.42
CA SER C 158 26.45 5.25 -11.06
C SER C 158 26.77 3.97 -10.37
N VAL C 159 26.28 2.88 -10.94
CA VAL C 159 26.50 1.59 -10.37
C VAL C 159 26.82 0.73 -11.54
N LEU C 160 27.93 0.02 -11.44
CA LEU C 160 28.49 -0.65 -12.60
C LEU C 160 28.36 -2.14 -12.44
N THR C 161 28.00 -2.75 -13.54
CA THR C 161 27.45 -4.09 -13.56
C THR C 161 28.45 -4.99 -14.27
N GLN C 162 28.58 -6.24 -13.89
CA GLN C 162 29.54 -7.06 -14.63
C GLN C 162 29.08 -7.27 -16.06
N TYR C 163 27.80 -7.29 -16.29
CA TYR C 163 27.33 -7.27 -17.65
C TYR C 163 27.86 -6.04 -18.41
N ARG C 164 27.55 -4.83 -17.96
CA ARG C 164 27.97 -3.64 -18.70
C ARG C 164 29.47 -3.65 -19.05
N ILE C 165 30.28 -4.07 -18.07
CA ILE C 165 31.70 -4.19 -18.22
C ILE C 165 32.05 -5.18 -19.33
N LEU C 166 31.44 -6.36 -19.31
CA LEU C 166 31.74 -7.34 -20.31
C LEU C 166 31.29 -6.82 -21.69
N LYS C 167 30.13 -6.14 -21.74
CA LYS C 167 29.69 -5.57 -23.04
C LYS C 167 30.60 -4.47 -23.57
N PHE C 168 31.09 -3.62 -22.67
CA PHE C 168 32.07 -2.60 -22.97
C PHE C 168 33.30 -3.27 -23.62
N ILE C 169 33.77 -4.37 -23.00
CA ILE C 169 34.94 -5.09 -23.52
C ILE C 169 34.60 -5.58 -24.91
N SER C 170 33.43 -6.18 -25.05
CA SER C 170 32.92 -6.70 -26.31
C SER C 170 32.88 -5.68 -27.43
N MET C 171 32.51 -4.45 -27.09
CA MET C 171 32.30 -3.44 -28.10
C MET C 171 33.57 -2.74 -28.54
N ASN C 172 34.66 -2.92 -27.79
CA ASN C 172 35.87 -2.11 -27.95
C ASN C 172 37.14 -2.92 -28.11
N CYS C 173 37.06 -4.22 -27.87
CA CYS C 173 38.23 -5.09 -27.99
C CYS C 173 38.04 -6.15 -29.07
N LYS C 174 38.64 -5.90 -30.24
CA LYS C 174 38.55 -6.82 -31.39
C LYS C 174 39.22 -8.12 -30.96
N GLU C 175 40.14 -7.98 -30.01
CA GLU C 175 40.88 -9.10 -29.49
C GLU C 175 40.02 -10.15 -28.81
N THR C 176 38.76 -9.83 -28.51
CA THR C 176 37.84 -10.85 -28.02
C THR C 176 37.65 -11.91 -29.07
N ALA C 177 37.87 -11.54 -30.34
CA ALA C 177 37.80 -12.49 -31.47
C ALA C 177 38.87 -13.59 -31.41
N MET C 178 40.02 -13.28 -30.82
CA MET C 178 41.11 -14.21 -30.79
C MET C 178 41.14 -15.18 -29.58
N LEU C 179 40.03 -15.30 -28.86
CA LEU C 179 39.97 -16.23 -27.76
C LEU C 179 39.25 -17.47 -28.30
N ARG C 180 39.98 -18.28 -29.06
CA ARG C 180 39.38 -19.50 -29.57
C ARG C 180 39.60 -20.78 -28.71
N VAL C 181 40.08 -20.66 -27.47
CA VAL C 181 40.21 -21.86 -26.64
C VAL C 181 38.82 -22.33 -26.15
N PRO C 182 38.45 -23.58 -26.49
CA PRO C 182 37.20 -24.24 -26.07
C PRO C 182 37.02 -24.23 -24.58
N LEU C 183 35.78 -24.08 -24.12
CA LEU C 183 35.49 -24.14 -22.69
C LEU C 183 35.97 -25.42 -22.05
N ASN C 184 35.98 -26.51 -22.82
CA ASN C 184 36.41 -27.81 -22.28
C ASN C 184 37.93 -27.98 -22.06
N GLN C 185 38.76 -27.04 -22.49
CA GLN C 185 40.12 -27.04 -22.00
C GLN C 185 40.43 -25.86 -21.14
N MET C 186 39.39 -25.27 -20.57
CA MET C 186 39.59 -24.22 -19.61
C MET C 186 38.99 -24.77 -18.34
N THR C 187 39.25 -24.14 -17.20
CA THR C 187 38.55 -24.60 -16.02
C THR C 187 37.47 -23.59 -15.56
N ILE C 188 36.93 -22.78 -16.46
CA ILE C 188 36.00 -21.76 -15.99
C ILE C 188 34.53 -22.23 -15.93
N GLY C 189 33.75 -21.64 -15.04
CA GLY C 189 32.39 -22.06 -14.87
C GLY C 189 32.32 -23.15 -13.81
N THR C 190 31.13 -23.30 -13.22
CA THR C 190 30.87 -24.42 -12.36
C THR C 190 30.31 -25.64 -13.12
N TRP C 191 30.90 -26.80 -12.84
CA TRP C 191 30.64 -28.01 -13.61
C TRP C 191 30.24 -29.18 -12.77
N SER C 192 30.25 -29.03 -11.46
CA SER C 192 29.67 -30.04 -10.55
C SER C 192 29.18 -29.39 -9.25
N ASN C 193 28.57 -30.22 -8.41
CA ASN C 193 27.89 -29.79 -7.21
C ASN C 193 26.92 -28.64 -7.52
N LEU C 194 26.20 -28.77 -8.65
CA LEU C 194 25.19 -27.77 -9.05
C LEU C 194 23.96 -27.80 -8.16
N ALA C 195 23.41 -26.62 -7.90
CA ALA C 195 22.09 -26.49 -7.30
C ALA C 195 21.06 -26.50 -8.46
N THR C 196 20.31 -27.58 -8.54
CA THR C 196 19.26 -27.69 -9.53
C THR C 196 17.96 -27.86 -8.81
N ALA C 197 16.88 -27.75 -9.57
CA ALA C 197 15.56 -27.99 -9.05
C ALA C 197 14.76 -28.64 -10.20
N SER C 198 13.58 -29.13 -9.88
CA SER C 198 12.69 -29.60 -10.91
C SER C 198 11.40 -28.82 -10.79
N MET C 199 10.48 -29.10 -11.69
CA MET C 199 9.15 -28.49 -11.67
C MET C 199 8.38 -28.76 -10.36
N GLU C 200 8.65 -29.88 -9.69
CA GLU C 200 7.95 -30.15 -8.44
C GLU C 200 8.51 -29.43 -7.25
N THR C 201 9.75 -28.95 -7.32
CA THR C 201 10.41 -28.29 -6.19
C THR C 201 9.61 -27.10 -5.71
N LYS C 202 9.46 -26.97 -4.41
CA LYS C 202 8.75 -25.84 -3.85
C LYS C 202 9.65 -24.60 -3.99
N VAL C 203 9.05 -23.44 -4.21
CA VAL C 203 9.83 -22.24 -4.47
C VAL C 203 10.65 -21.91 -3.25
N TYR C 204 10.07 -22.10 -2.07
CA TYR C 204 10.83 -21.80 -0.85
C TYR C 204 12.09 -22.63 -0.80
N ASP C 205 12.10 -23.77 -1.47
CA ASP C 205 13.26 -24.63 -1.41
C ASP C 205 14.33 -24.14 -2.36
N VAL C 206 13.91 -23.54 -3.48
CA VAL C 206 14.82 -22.89 -4.40
C VAL C 206 15.43 -21.70 -3.66
N ILE C 207 14.57 -20.89 -3.05
CA ILE C 207 15.04 -19.76 -2.30
C ILE C 207 16.20 -20.16 -1.39
N LYS C 208 16.14 -21.31 -0.71
CA LYS C 208 17.30 -21.64 0.13
C LYS C 208 18.57 -22.06 -0.63
N MET C 209 18.42 -22.72 -1.77
CA MET C 209 19.58 -22.87 -2.62
C MET C 209 20.22 -21.49 -2.96
N LEU C 210 19.42 -20.53 -3.42
CA LEU C 210 19.90 -19.21 -3.80
C LEU C 210 20.67 -18.53 -2.67
N ALA C 211 20.14 -18.55 -1.47
CA ALA C 211 20.86 -18.03 -0.31
C ALA C 211 22.11 -18.87 0.11
N GLU C 212 21.97 -20.20 0.09
CA GLU C 212 23.04 -21.03 0.58
C GLU C 212 24.27 -21.06 -0.34
N LYS C 213 24.06 -21.10 -1.65
CA LYS C 213 25.19 -21.01 -2.60
C LYS C 213 25.42 -19.55 -3.01
N ASN C 214 24.70 -18.66 -2.35
CA ASN C 214 24.29 -17.39 -2.94
C ASN C 214 24.66 -17.28 -4.41
N ILE C 215 23.63 -17.57 -5.20
CA ILE C 215 23.66 -17.60 -6.62
C ILE C 215 22.38 -16.88 -7.03
N SER C 216 22.30 -16.48 -8.30
CA SER C 216 21.11 -15.75 -8.73
C SER C 216 20.06 -16.60 -9.42
N ALA C 217 20.42 -17.84 -9.74
CA ALA C 217 19.55 -18.70 -10.54
C ALA C 217 19.83 -20.19 -10.39
N VAL C 218 18.78 -20.97 -10.55
CA VAL C 218 18.87 -22.41 -10.42
C VAL C 218 18.24 -22.95 -11.69
N PRO C 219 18.98 -23.80 -12.41
CA PRO C 219 18.41 -24.39 -13.59
C PRO C 219 17.34 -25.39 -13.19
N ILE C 220 16.35 -25.53 -14.05
CA ILE C 220 15.34 -26.55 -13.82
C ILE C 220 15.58 -27.78 -14.71
N VAL C 221 15.78 -28.92 -14.07
CA VAL C 221 16.04 -30.13 -14.83
C VAL C 221 15.00 -31.21 -14.57
N ASN C 222 15.03 -32.23 -15.39
CA ASN C 222 14.18 -33.40 -15.15
C ASN C 222 15.11 -34.51 -14.71
N SER C 223 14.53 -35.70 -14.49
CA SER C 223 15.20 -36.82 -13.80
C SER C 223 16.41 -37.31 -14.57
N GLU C 224 16.47 -36.97 -15.85
CA GLU C 224 17.55 -37.40 -16.70
C GLU C 224 18.62 -36.30 -16.76
N GLY C 225 18.34 -35.18 -16.11
CA GLY C 225 19.25 -34.06 -16.12
C GLY C 225 19.14 -33.23 -17.38
N THR C 226 18.00 -33.31 -18.06
CA THR C 226 17.79 -32.38 -19.16
C THR C 226 17.23 -30.98 -18.76
N LEU C 227 17.82 -29.93 -19.35
CA LEU C 227 17.53 -28.55 -19.04
C LEU C 227 16.13 -28.19 -19.53
N LEU C 228 15.24 -27.86 -18.60
CA LEU C 228 13.87 -27.51 -18.98
C LEU C 228 13.64 -26.00 -18.97
N ASN C 229 14.18 -25.35 -17.94
CA ASN C 229 14.02 -23.94 -17.75
C ASN C 229 15.08 -23.45 -16.77
N VAL C 230 14.86 -22.26 -16.22
CA VAL C 230 15.64 -21.68 -15.11
C VAL C 230 14.69 -21.03 -14.13
N TYR C 231 15.11 -20.91 -12.89
CA TYR C 231 14.35 -20.13 -11.94
C TYR C 231 15.25 -19.14 -11.24
N GLU C 232 14.98 -17.87 -11.55
CA GLU C 232 15.86 -16.77 -11.09
C GLU C 232 15.37 -16.07 -9.85
N SER C 233 16.30 -15.46 -9.11
CA SER C 233 15.91 -14.73 -7.92
C SER C 233 15.00 -13.54 -8.23
N VAL C 234 15.02 -13.07 -9.46
CA VAL C 234 14.11 -12.00 -9.94
C VAL C 234 12.69 -12.52 -10.22
N ASP C 235 12.58 -13.80 -10.55
CA ASP C 235 11.27 -14.42 -10.56
C ASP C 235 10.65 -14.32 -9.16
N VAL C 236 11.44 -14.51 -8.12
CA VAL C 236 10.91 -14.48 -6.76
C VAL C 236 10.35 -13.11 -6.46
N MET C 237 11.08 -12.09 -6.92
CA MET C 237 10.64 -10.71 -6.76
C MET C 237 9.23 -10.57 -7.32
N HIS C 238 9.00 -11.13 -8.51
CA HIS C 238 7.70 -10.95 -9.14
CA HIS C 238 7.70 -10.98 -9.16
C HIS C 238 6.64 -11.71 -8.35
N LEU C 239 7.02 -12.85 -7.81
CA LEU C 239 6.12 -13.62 -6.99
C LEU C 239 5.58 -12.79 -5.85
N ILE C 240 6.41 -11.96 -5.24
CA ILE C 240 6.07 -11.35 -3.97
C ILE C 240 5.76 -9.84 -4.03
N GLN C 241 6.00 -9.20 -5.16
CA GLN C 241 5.60 -7.80 -5.23
C GLN C 241 4.07 -7.78 -5.02
N ASP C 242 3.49 -6.63 -4.67
CA ASP C 242 2.04 -6.62 -4.29
C ASP C 242 1.70 -7.56 -3.11
N GLY C 243 2.70 -8.24 -2.57
CA GLY C 243 2.74 -8.61 -1.17
C GLY C 243 2.08 -9.96 -0.91
N ASP C 244 2.03 -10.82 -1.85
CA ASP C 244 1.42 -12.11 -1.70
C ASP C 244 2.48 -13.19 -1.48
N TYR C 245 2.80 -13.43 -0.22
CA TYR C 245 3.94 -14.29 0.13
C TYR C 245 3.56 -15.75 0.12
N SER C 246 2.27 -16.05 -0.09
CA SER C 246 1.82 -17.45 -0.15
C SER C 246 2.28 -18.09 -1.48
N ASN C 247 2.63 -17.25 -2.45
CA ASN C 247 3.29 -17.73 -3.68
C ASN C 247 4.60 -18.54 -3.43
N LEU C 248 5.33 -18.23 -2.37
CA LEU C 248 6.59 -18.95 -2.07
C LEU C 248 6.31 -20.40 -1.94
N ASP C 249 5.09 -20.74 -1.53
CA ASP C 249 4.70 -22.12 -1.34
C ASP C 249 4.41 -22.85 -2.64
N LEU C 250 4.27 -22.10 -3.74
CA LEU C 250 3.99 -22.69 -5.03
C LEU C 250 5.18 -23.55 -5.47
N SER C 251 4.94 -24.58 -6.27
CA SER C 251 6.04 -25.35 -6.83
C SER C 251 6.65 -24.48 -7.90
N VAL C 252 7.72 -24.93 -8.53
CA VAL C 252 8.36 -24.16 -9.62
C VAL C 252 7.48 -24.12 -10.88
N GLY C 253 6.88 -25.24 -11.21
CA GLY C 253 5.99 -25.31 -12.37
C GLY C 253 4.84 -24.34 -12.26
N GLU C 254 4.13 -24.33 -11.14
CA GLU C 254 3.04 -23.38 -11.02
C GLU C 254 3.57 -21.96 -10.96
N ALA C 255 4.74 -21.76 -10.36
CA ALA C 255 5.29 -20.39 -10.26
C ALA C 255 5.68 -19.87 -11.65
N LEU C 256 6.23 -20.77 -12.47
CA LEU C 256 6.56 -20.47 -13.86
C LEU C 256 5.38 -19.85 -14.64
N LEU C 257 4.16 -20.32 -14.37
CA LEU C 257 2.96 -19.81 -15.03
C LEU C 257 2.72 -18.31 -14.81
N LYS C 258 3.38 -17.75 -13.81
CA LYS C 258 3.19 -16.33 -13.49
C LYS C 258 4.30 -15.46 -14.05
N ARG C 259 5.15 -16.03 -14.90
CA ARG C 259 6.26 -15.26 -15.49
C ARG C 259 5.72 -14.40 -16.61
N PRO C 260 6.00 -13.10 -16.57
CA PRO C 260 5.50 -12.20 -17.59
C PRO C 260 6.10 -12.49 -18.96
N ALA C 261 5.33 -12.25 -20.02
CA ALA C 261 5.71 -12.51 -21.43
C ALA C 261 7.02 -11.87 -21.85
N ASN C 262 7.42 -10.91 -21.02
CA ASN C 262 8.64 -10.11 -21.02
C ASN C 262 10.04 -10.77 -20.84
N PHE C 263 10.08 -12.09 -20.74
CA PHE C 263 11.25 -12.85 -20.27
C PHE C 263 12.37 -12.96 -21.33
N ASP C 264 13.56 -12.47 -20.98
CA ASP C 264 14.74 -12.50 -21.85
C ASP C 264 14.97 -13.88 -22.53
N GLY C 265 14.79 -14.95 -21.78
CA GLY C 265 15.04 -16.31 -22.27
C GLY C 265 16.21 -16.95 -21.55
N VAL C 266 16.55 -18.16 -21.95
CA VAL C 266 17.64 -18.87 -21.33
C VAL C 266 18.69 -19.07 -22.40
N HIS C 267 19.91 -18.60 -22.13
CA HIS C 267 21.03 -18.80 -23.05
C HIS C 267 21.79 -20.09 -22.75
N THR C 268 22.05 -20.86 -23.80
CA THR C 268 22.84 -22.07 -23.74
C THR C 268 24.02 -22.00 -24.67
N CYS C 269 25.04 -22.79 -24.39
CA CYS C 269 26.16 -22.96 -25.28
C CYS C 269 26.62 -24.38 -25.07
N ARG C 270 27.70 -24.73 -25.76
CA ARG C 270 28.24 -26.07 -25.64
C ARG C 270 29.63 -25.99 -25.06
N ALA C 271 30.05 -27.09 -24.45
CA ALA C 271 31.39 -27.25 -23.89
C ALA C 271 32.46 -27.06 -24.97
N THR C 272 32.08 -27.07 -26.24
CA THR C 272 33.08 -26.87 -27.24
C THR C 272 33.04 -25.47 -27.80
N ASP C 273 32.21 -24.61 -27.21
CA ASP C 273 32.19 -23.25 -27.66
C ASP C 273 33.27 -22.55 -26.88
N ARG C 274 33.53 -21.30 -27.23
CA ARG C 274 34.53 -20.54 -26.50
C ARG C 274 34.19 -19.08 -26.41
N LEU C 275 35.09 -18.32 -25.79
CA LEU C 275 34.85 -16.94 -25.38
C LEU C 275 34.57 -15.98 -26.53
N ASP C 276 35.16 -16.24 -27.70
CA ASP C 276 34.89 -15.38 -28.83
C ASP C 276 33.40 -15.34 -29.13
N GLY C 277 32.75 -16.48 -29.13
CA GLY C 277 31.32 -16.56 -29.44
C GLY C 277 30.45 -16.02 -28.33
N ILE C 278 30.90 -16.20 -27.10
CA ILE C 278 30.19 -15.73 -25.94
C ILE C 278 30.30 -14.22 -25.84
N PHE C 279 31.46 -13.66 -26.14
CA PHE C 279 31.58 -12.20 -26.18
C PHE C 279 30.68 -11.64 -27.25
N ASP C 280 30.64 -12.36 -28.37
CA ASP C 280 29.76 -12.00 -29.45
C ASP C 280 28.27 -12.05 -29.02
N ALA C 281 27.87 -13.06 -28.23
CA ALA C 281 26.50 -13.08 -27.71
C ALA C 281 26.25 -11.90 -26.76
N ILE C 282 27.29 -11.51 -26.04
CA ILE C 282 27.14 -10.51 -25.00
C ILE C 282 26.97 -9.16 -25.65
N LYS C 283 27.76 -8.93 -26.70
CA LYS C 283 27.73 -7.71 -27.51
C LYS C 283 26.34 -7.31 -28.05
N HIS C 284 25.55 -8.31 -28.45
CA HIS C 284 24.31 -8.12 -29.18
C HIS C 284 23.02 -8.45 -28.41
N SER C 285 23.13 -8.87 -27.14
CA SER C 285 21.96 -9.20 -26.32
C SER C 285 22.26 -9.31 -24.84
N ARG C 286 21.24 -9.24 -23.97
CA ARG C 286 21.42 -9.39 -22.51
C ARG C 286 21.57 -10.86 -22.08
N VAL C 287 22.81 -11.25 -21.76
CA VAL C 287 23.15 -12.57 -21.23
C VAL C 287 23.48 -12.46 -19.74
N HIS C 288 22.71 -13.13 -18.88
CA HIS C 288 22.99 -13.13 -17.42
C HIS C 288 23.96 -14.26 -17.00
N ARG C 289 23.91 -15.38 -17.76
CA ARG C 289 24.71 -16.56 -17.53
C ARG C 289 24.53 -17.47 -18.76
N LEU C 290 25.37 -18.46 -18.96
CA LEU C 290 25.06 -19.49 -19.95
C LEU C 290 25.05 -20.89 -19.33
N PHE C 291 24.02 -21.68 -19.63
CA PHE C 291 23.97 -23.08 -19.22
C PHE C 291 24.55 -23.98 -20.29
N VAL C 292 25.60 -24.69 -19.93
CA VAL C 292 26.35 -25.54 -20.85
C VAL C 292 25.71 -26.90 -20.92
N VAL C 293 25.41 -27.30 -22.14
CA VAL C 293 24.65 -28.50 -22.39
C VAL C 293 25.29 -29.27 -23.51
N ASP C 294 24.92 -30.55 -23.62
CA ASP C 294 25.25 -31.36 -24.79
C ASP C 294 24.12 -31.35 -25.81
N GLU C 295 24.18 -32.30 -26.76
CA GLU C 295 23.29 -32.37 -27.93
C GLU C 295 21.87 -32.80 -27.59
N ASN C 296 21.69 -33.41 -26.42
CA ASN C 296 20.36 -33.81 -25.98
C ASN C 296 19.84 -32.84 -24.90
N LEU C 297 20.41 -31.62 -24.90
CA LEU C 297 20.21 -30.60 -23.85
C LEU C 297 20.48 -31.04 -22.41
N LYS C 298 21.31 -32.05 -22.22
CA LYS C 298 21.69 -32.44 -20.86
C LYS C 298 22.59 -31.36 -20.22
N LEU C 299 22.20 -30.85 -19.05
CA LEU C 299 22.97 -29.86 -18.36
C LEU C 299 24.34 -30.41 -17.97
N GLU C 300 25.39 -29.67 -18.28
CA GLU C 300 26.75 -30.07 -17.92
C GLU C 300 27.39 -29.04 -17.02
N GLY C 301 27.12 -27.76 -17.21
CA GLY C 301 27.66 -26.78 -16.30
C GLY C 301 27.03 -25.41 -16.43
N ILE C 302 27.61 -24.42 -15.74
CA ILE C 302 27.04 -23.09 -15.70
C ILE C 302 28.17 -22.13 -15.82
N LEU C 303 28.08 -21.22 -16.80
CA LEU C 303 29.13 -20.23 -16.99
C LEU C 303 28.52 -18.87 -16.79
N SER C 304 28.86 -18.21 -15.69
CA SER C 304 28.24 -16.94 -15.43
C SER C 304 29.20 -15.78 -15.67
N LEU C 305 28.67 -14.57 -15.65
CA LEU C 305 29.42 -13.41 -16.09
C LEU C 305 30.60 -13.20 -15.20
N ALA C 306 30.45 -13.48 -13.90
CA ALA C 306 31.60 -13.37 -12.99
C ALA C 306 32.77 -14.33 -13.30
N ASP C 307 32.44 -15.56 -13.71
CA ASP C 307 33.45 -16.50 -14.16
C ASP C 307 34.18 -15.93 -15.39
N ILE C 308 33.44 -15.51 -16.41
CA ILE C 308 34.09 -14.86 -17.54
C ILE C 308 34.95 -13.65 -17.09
N LEU C 309 34.35 -12.71 -16.37
CA LEU C 309 35.09 -11.55 -15.91
C LEU C 309 36.33 -11.94 -15.13
N ASN C 310 36.22 -12.97 -14.29
CA ASN C 310 37.34 -13.37 -13.46
C ASN C 310 38.46 -13.97 -14.27
N TYR C 311 38.11 -14.77 -15.24
CA TYR C 311 39.13 -15.32 -16.11
C TYR C 311 39.83 -14.16 -16.81
N ILE C 312 39.03 -13.22 -17.33
CA ILE C 312 39.52 -12.14 -18.14
C ILE C 312 40.55 -11.37 -17.35
N ILE C 313 40.21 -10.97 -16.13
CA ILE C 313 41.11 -10.07 -15.39
C ILE C 313 42.29 -10.75 -14.76
N TYR C 314 42.06 -11.90 -14.12
CA TYR C 314 43.15 -12.66 -13.52
C TYR C 314 43.81 -13.41 -14.66
N ASP C 315 45.13 -13.57 -14.61
CA ASP C 315 45.93 -14.11 -15.75
C ASP C 315 45.09 -14.99 -16.69
N LYS C 316 45.61 -15.32 -17.87
CA LYS C 316 45.05 -16.47 -18.55
C LYS C 316 44.93 -17.64 -17.53
N THR C 317 45.98 -17.89 -16.72
CA THR C 317 46.03 -19.10 -15.88
C THR C 317 46.12 -18.96 -14.34
N THR C 318 45.90 -17.75 -13.81
CA THR C 318 45.99 -17.50 -12.35
C THR C 318 44.98 -18.25 -11.46
N THR C 319 43.71 -18.30 -11.88
CA THR C 319 42.60 -18.81 -11.05
C THR C 319 42.02 -20.16 -11.56
N PRO C 320 40.67 -20.34 -11.53
CA PRO C 320 39.98 -21.31 -12.39
C PRO C 320 40.27 -21.22 -13.92
N GLY C 321 41.40 -20.64 -14.31
CA GLY C 321 41.77 -20.71 -15.72
C GLY C 321 43.07 -21.46 -15.91
N VAL C 322 43.44 -22.24 -14.90
CA VAL C 322 44.83 -22.67 -14.69
C VAL C 322 45.59 -23.39 -15.86
N PRO C 323 44.91 -24.27 -16.65
CA PRO C 323 44.00 -25.37 -16.47
C PRO C 323 44.73 -26.67 -16.92
N GLU C 324 44.47 -27.12 -18.15
CA GLU C 324 44.99 -28.38 -18.72
C GLU C 324 46.47 -28.36 -19.10
N ARG D 9 -7.54 -9.70 -4.58
CA ARG D 9 -6.85 -9.94 -3.29
C ARG D 9 -7.74 -10.65 -2.22
N ARG D 10 -9.04 -10.82 -2.52
CA ARG D 10 -9.98 -11.51 -1.62
C ARG D 10 -10.01 -13.03 -1.88
N ASN D 11 -9.32 -13.77 -1.00
CA ASN D 11 -9.11 -15.21 -1.16
C ASN D 11 -9.86 -16.12 -0.16
N LYS D 12 -9.13 -17.06 0.44
CA LYS D 12 -9.76 -18.11 1.20
C LYS D 12 -9.56 -17.93 2.71
N TRP D 13 -10.68 -17.91 3.42
CA TRP D 13 -10.64 -17.97 4.87
C TRP D 13 -10.39 -19.41 5.26
N HIS D 14 -9.84 -19.61 6.44
CA HIS D 14 -9.63 -20.94 6.93
C HIS D 14 -9.69 -20.82 8.42
N PHE D 15 -10.17 -21.87 9.09
CA PHE D 15 -10.23 -21.83 10.53
C PHE D 15 -8.83 -21.80 11.09
N GLY D 16 -8.71 -21.23 12.29
CA GLY D 16 -7.46 -21.24 13.01
C GLY D 16 -6.34 -20.49 12.32
N VAL D 17 -5.13 -20.73 12.79
CA VAL D 17 -3.93 -20.15 12.24
C VAL D 17 -3.06 -21.28 11.70
N ARG D 18 -2.56 -21.12 10.47
CA ARG D 18 -1.69 -22.14 9.86
C ARG D 18 -0.34 -22.19 10.54
N CYS D 19 0.15 -23.39 10.73
CA CYS D 19 1.46 -23.58 11.35
C CYS D 19 2.11 -24.77 10.69
N ARG D 20 3.41 -24.95 10.91
CA ARG D 20 4.10 -26.09 10.32
C ARG D 20 5.39 -26.49 11.05
N GLY D 21 5.88 -27.69 10.74
CA GLY D 21 7.10 -28.25 11.35
C GLY D 21 6.84 -29.36 12.34
N ASP D 22 7.28 -29.15 13.59
CA ASP D 22 7.27 -30.19 14.59
C ASP D 22 6.29 -29.84 15.70
N ALA D 23 5.25 -30.68 15.84
CA ALA D 23 4.14 -30.46 16.75
C ALA D 23 4.53 -30.03 18.17
N PRO D 24 5.39 -30.79 18.86
CA PRO D 24 5.92 -30.25 20.13
C PRO D 24 6.54 -28.83 20.10
N GLU D 25 7.30 -28.52 19.04
CA GLU D 25 7.98 -27.22 18.94
C GLU D 25 6.93 -26.17 18.63
N ILE D 26 5.87 -26.59 17.93
CA ILE D 26 4.71 -25.73 17.69
C ILE D 26 4.02 -25.48 19.02
N LEU D 27 3.66 -26.57 19.70
CA LEU D 27 3.09 -26.46 21.03
C LEU D 27 3.98 -25.61 21.92
N LEU D 28 5.30 -25.77 21.82
CA LEU D 28 6.19 -24.91 22.60
C LEU D 28 6.09 -23.42 22.20
N ALA D 29 5.81 -23.13 20.93
CA ALA D 29 5.71 -21.75 20.48
C ALA D 29 4.37 -21.14 20.89
N VAL D 30 3.30 -21.92 20.78
CA VAL D 30 2.01 -21.50 21.33
C VAL D 30 2.05 -21.15 22.82
N TYR D 31 2.64 -22.02 23.67
CA TYR D 31 2.77 -21.71 25.12
C TYR D 31 3.47 -20.39 25.44
N ARG D 32 4.57 -20.13 24.73
CA ARG D 32 5.34 -18.87 24.86
C ARG D 32 4.56 -17.66 24.42
N ALA D 33 3.84 -17.78 23.30
CA ALA D 33 2.97 -16.69 22.82
C ALA D 33 1.97 -16.32 23.95
N LEU D 34 1.31 -17.33 24.51
CA LEU D 34 0.39 -17.11 25.61
C LEU D 34 1.00 -16.34 26.78
N GLN D 35 2.24 -16.67 27.14
CA GLN D 35 2.89 -16.03 28.29
C GLN D 35 3.36 -14.62 27.98
N ARG D 36 3.81 -14.40 26.75
CA ARG D 36 4.10 -13.04 26.28
C ARG D 36 2.86 -12.18 26.20
N ALA D 37 1.74 -12.80 25.80
CA ALA D 37 0.45 -12.14 25.82
C ALA D 37 -0.08 -11.96 27.24
N GLY D 38 0.57 -12.59 28.23
CA GLY D 38 0.13 -12.45 29.62
C GLY D 38 -1.03 -13.35 30.01
N ALA D 39 -1.39 -14.29 29.13
CA ALA D 39 -2.45 -15.23 29.40
C ALA D 39 -2.03 -16.38 30.35
N GLN D 40 -3.03 -16.98 30.97
CA GLN D 40 -2.82 -18.08 31.91
C GLN D 40 -3.41 -19.34 31.26
N PHE D 41 -2.84 -20.50 31.52
CA PHE D 41 -3.13 -21.67 30.69
C PHE D 41 -2.95 -23.00 31.42
N THR D 42 -3.60 -24.03 30.90
CA THR D 42 -3.39 -25.38 31.40
C THR D 42 -2.14 -26.00 30.82
N VAL D 43 -1.77 -26.76 31.53
CA VAL D 43 -0.57 -27.49 31.14
C VAL D 43 -0.88 -28.97 30.92
N PRO D 44 -0.06 -29.95 30.23
CA PRO D 44 -0.50 -31.34 30.09
C PRO D 44 -0.15 -32.19 31.33
N LYS D 45 -0.90 -33.28 31.52
CA LYS D 45 -0.62 -34.24 32.58
C LYS D 45 -0.43 -35.67 32.04
N PRO D 46 0.64 -36.35 32.49
CA PRO D 46 1.00 -37.71 32.03
C PRO D 46 0.17 -38.83 32.67
N VAL D 47 -0.18 -39.86 31.87
CA VAL D 47 -0.90 -41.07 32.37
C VAL D 47 -0.06 -42.11 33.12
N ASN D 48 1.26 -41.93 33.09
CA ASN D 48 2.19 -42.59 34.00
C ASN D 48 3.26 -41.53 34.19
N GLY D 49 4.38 -41.72 33.50
CA GLY D 49 5.20 -40.63 33.04
C GLY D 49 5.10 -40.62 31.53
N LYS D 50 3.95 -41.07 31.00
CA LYS D 50 3.66 -41.12 29.55
C LYS D 50 2.55 -40.11 29.15
N TYR D 51 2.50 -39.68 27.89
CA TYR D 51 1.57 -38.62 27.48
C TYR D 51 0.45 -39.06 26.58
N ARG D 52 -0.60 -38.25 26.54
CA ARG D 52 -1.73 -38.48 25.64
C ARG D 52 -1.95 -37.25 24.74
N SER D 53 -2.43 -37.50 23.52
CA SER D 53 -2.76 -36.46 22.54
C SER D 53 -3.45 -35.19 23.12
N ASP D 54 -4.29 -35.38 24.13
CA ASP D 54 -4.90 -34.27 24.83
C ASP D 54 -3.91 -33.16 25.15
N MET D 55 -2.63 -33.50 25.06
CA MET D 55 -1.47 -32.59 25.17
C MET D 55 -1.68 -31.35 24.30
N TYR D 56 -2.31 -31.54 23.14
CA TYR D 56 -2.57 -30.49 22.17
C TYR D 56 -3.89 -29.74 22.39
N THR D 57 -4.34 -29.71 23.64
CA THR D 57 -5.55 -28.98 24.01
C THR D 57 -5.17 -28.16 25.21
N ILE D 58 -5.11 -26.85 25.03
CA ILE D 58 -4.64 -25.96 26.11
C ILE D 58 -5.73 -25.25 26.94
N LYS D 59 -6.64 -24.53 26.30
CA LYS D 59 -7.61 -23.72 27.05
C LYS D 59 -6.96 -22.79 28.08
N SER D 60 -7.01 -21.50 27.75
CA SER D 60 -6.32 -20.46 28.44
C SER D 60 -7.35 -19.58 29.08
N ARG D 61 -6.87 -18.58 29.80
CA ARG D 61 -7.69 -17.61 30.49
C ARG D 61 -7.01 -16.23 30.37
N TRP D 62 -7.78 -15.20 29.99
CA TRP D 62 -7.21 -13.86 29.71
C TRP D 62 -7.84 -12.75 30.53
N GLU D 63 -7.05 -12.04 31.34
CA GLU D 63 -7.57 -10.85 31.99
C GLU D 63 -7.96 -9.94 30.86
N ILE D 64 -9.16 -9.36 30.93
CA ILE D 64 -9.70 -8.57 29.82
C ILE D 64 -9.29 -7.12 30.02
N PRO D 65 -8.31 -6.65 29.23
CA PRO D 65 -7.65 -5.37 29.48
C PRO D 65 -8.58 -4.17 29.52
N HIS D 66 -9.65 -4.18 28.76
CA HIS D 66 -10.53 -3.04 28.84
C HIS D 66 -11.41 -3.17 30.06
N CYS D 67 -11.58 -4.38 30.59
CA CYS D 67 -12.28 -4.49 31.87
C CYS D 67 -11.32 -4.15 33.01
N LYS D 68 -10.15 -4.77 33.04
CA LYS D 68 -9.16 -4.43 34.05
C LYS D 68 -9.02 -2.92 34.21
N ARG D 69 -8.78 -2.25 33.09
CA ARG D 69 -8.51 -0.82 33.05
C ARG D 69 -9.72 -0.04 33.52
N GLU D 70 -10.87 -0.69 33.61
CA GLU D 70 -12.05 -0.06 34.16
C GLU D 70 -12.20 -0.45 35.64
N GLY D 71 -13.42 -0.49 36.15
CA GLY D 71 -13.64 -0.91 37.54
C GLY D 71 -13.82 -2.41 37.78
N LYS D 72 -13.41 -3.25 36.83
CA LYS D 72 -13.73 -4.69 36.94
C LYS D 72 -12.55 -5.64 36.79
N ASN D 73 -12.82 -6.94 36.97
CA ASN D 73 -11.88 -8.02 36.63
C ASN D 73 -12.66 -9.15 35.96
N THR D 74 -12.67 -9.11 34.63
CA THR D 74 -13.43 -10.08 33.85
C THR D 74 -12.46 -10.90 32.99
N TYR D 75 -12.70 -12.20 32.91
CA TYR D 75 -11.81 -13.07 32.16
C TYR D 75 -12.45 -13.60 30.90
N ALA D 76 -11.64 -13.75 29.87
CA ALA D 76 -12.05 -14.44 28.67
C ALA D 76 -11.42 -15.81 28.69
N TYR D 77 -12.21 -16.82 28.28
CA TYR D 77 -11.83 -18.23 28.30
C TYR D 77 -11.67 -18.74 26.87
N ILE D 78 -10.43 -18.97 26.46
CA ILE D 78 -10.12 -19.32 25.09
C ILE D 78 -9.41 -20.67 25.00
N GLU D 79 -9.98 -21.58 24.22
CA GLU D 79 -9.44 -22.94 24.13
C GLU D 79 -8.76 -23.19 22.78
N LEU D 80 -7.50 -23.62 22.85
CA LEU D 80 -6.66 -23.88 21.66
C LEU D 80 -6.51 -25.38 21.37
N GLN D 81 -6.58 -25.77 20.11
CA GLN D 81 -6.47 -27.18 19.73
C GLN D 81 -5.57 -27.32 18.49
N LEU D 82 -4.53 -28.15 18.57
CA LEU D 82 -3.67 -28.40 17.41
C LEU D 82 -4.17 -29.59 16.60
N TYR D 83 -4.63 -29.35 15.38
CA TYR D 83 -4.90 -30.46 14.46
C TYR D 83 -3.76 -30.64 13.50
N GLU D 84 -3.52 -31.87 13.05
CA GLU D 84 -2.59 -32.11 11.94
C GLU D 84 -3.35 -32.22 10.63
N VAL D 85 -2.97 -31.41 9.65
CA VAL D 85 -3.71 -31.31 8.39
C VAL D 85 -3.20 -32.31 7.35
N MET D 86 -1.93 -32.68 7.50
CA MET D 86 -1.11 -33.41 6.51
C MET D 86 0.21 -33.48 7.26
N PRO D 87 1.00 -34.56 7.08
CA PRO D 87 2.25 -34.57 7.87
C PRO D 87 3.05 -33.28 7.62
N GLY D 88 3.59 -32.69 8.68
CA GLY D 88 4.31 -31.41 8.57
C GLY D 88 3.44 -30.16 8.65
N CYS D 89 2.12 -30.29 8.47
CA CYS D 89 1.21 -29.14 8.44
C CYS D 89 0.07 -29.21 9.46
N PHE D 90 -0.11 -28.13 10.21
CA PHE D 90 -1.08 -28.12 11.28
C PHE D 90 -2.03 -26.93 11.24
N MET D 91 -3.18 -27.09 11.89
CA MET D 91 -4.06 -25.99 12.23
C MET D 91 -4.07 -25.77 13.74
N LEU D 92 -3.94 -24.51 14.14
CA LEU D 92 -4.10 -24.15 15.53
C LEU D 92 -5.49 -23.52 15.65
N ASP D 93 -6.43 -24.32 16.10
CA ASP D 93 -7.81 -23.95 16.12
C ASP D 93 -8.03 -23.23 17.42
N VAL D 94 -8.69 -22.08 17.35
CA VAL D 94 -8.90 -21.22 18.51
C VAL D 94 -10.40 -20.99 18.66
N LYS D 95 -10.91 -21.22 19.85
CA LYS D 95 -12.35 -21.20 20.09
C LYS D 95 -12.69 -20.40 21.34
N SER D 96 -13.71 -19.58 21.23
CA SER D 96 -14.20 -18.83 22.36
C SER D 96 -15.13 -19.70 23.18
N ASN D 97 -14.87 -19.82 24.46
CA ASN D 97 -15.97 -20.22 25.34
C ASN D 97 -16.32 -19.22 26.43
N GLY D 98 -16.48 -17.96 26.00
CA GLY D 98 -17.17 -16.95 26.77
C GLY D 98 -16.37 -16.14 27.74
N TYR D 99 -17.08 -15.38 28.58
CA TYR D 99 -16.50 -14.39 29.46
C TYR D 99 -17.22 -14.38 30.81
N LYS D 100 -16.46 -14.12 31.89
CA LYS D 100 -16.99 -14.12 33.27
C LYS D 100 -16.28 -13.06 34.12
N ASP D 101 -17.08 -12.20 34.78
CA ASP D 101 -16.61 -11.03 35.56
C ASP D 101 -16.23 -11.38 37.01
N ILE D 102 -16.98 -10.83 37.96
CA ILE D 102 -16.73 -11.09 39.37
C ILE D 102 -18.03 -11.49 40.10
N TYR D 103 -18.01 -12.71 40.65
CA TYR D 103 -19.19 -13.43 41.14
C TYR D 103 -20.52 -12.80 40.72
N SER D 104 -20.71 -12.76 39.40
CA SER D 104 -22.01 -12.52 38.79
C SER D 104 -22.62 -13.91 38.67
N HIS D 105 -23.41 -14.25 39.69
CA HIS D 105 -23.81 -15.64 39.99
C HIS D 105 -24.91 -16.29 39.12
N PRO D 106 -25.58 -15.53 38.21
CA PRO D 106 -26.26 -16.22 37.11
C PRO D 106 -25.49 -16.19 35.75
N GLU D 107 -24.54 -17.10 35.48
CA GLU D 107 -24.07 -18.19 36.37
C GLU D 107 -22.88 -18.93 35.72
N ARG D 108 -23.25 -19.97 34.95
CA ARG D 108 -22.36 -20.94 34.24
C ARG D 108 -20.89 -21.13 34.70
N THR D 109 -20.60 -22.33 35.21
CA THR D 109 -19.24 -22.71 35.61
C THR D 109 -18.37 -22.91 34.37
N ALA D 110 -19.02 -23.15 33.23
CA ALA D 110 -18.37 -23.27 31.93
C ALA D 110 -17.92 -21.91 31.33
N ASP D 111 -17.75 -20.92 32.22
CA ASP D 111 -17.24 -19.57 31.90
C ASP D 111 -18.30 -18.49 31.65
N HIS D 112 -19.48 -18.67 32.25
CA HIS D 112 -20.64 -17.75 32.17
C HIS D 112 -20.91 -17.08 30.81
N GLY D 113 -20.30 -17.55 29.74
CA GLY D 113 -20.61 -17.31 28.34
C GLY D 113 -20.46 -15.85 27.97
N MET D 114 -20.40 -14.92 28.86
CA MET D 114 -20.52 -13.46 28.63
C MET D 114 -21.96 -13.05 28.82
N ASP D 115 -22.56 -13.53 29.91
CA ASP D 115 -24.01 -13.53 30.04
C ASP D 115 -24.61 -14.21 28.80
N ASP D 116 -25.81 -13.77 28.45
CA ASP D 116 -26.64 -14.48 27.49
C ASP D 116 -26.23 -14.12 26.05
N LEU D 117 -25.94 -12.83 25.85
CA LEU D 117 -25.25 -12.33 24.66
C LEU D 117 -23.98 -13.13 24.49
N LYS D 118 -23.59 -13.45 23.26
CA LYS D 118 -22.41 -14.27 23.08
C LYS D 118 -21.46 -13.65 22.06
N SER D 119 -21.06 -12.42 22.33
CA SER D 119 -20.28 -11.63 21.36
C SER D 119 -18.90 -12.16 21.00
N SER D 120 -18.57 -11.99 19.71
CA SER D 120 -17.26 -12.30 19.15
C SER D 120 -16.20 -11.37 19.69
N PHE D 121 -16.60 -10.28 20.34
CA PHE D 121 -15.63 -9.40 20.97
C PHE D 121 -15.77 -9.46 22.49
N PRO D 122 -14.67 -9.29 23.24
CA PRO D 122 -13.24 -9.10 22.95
C PRO D 122 -12.45 -10.32 22.47
N PHE D 123 -13.11 -11.46 22.28
CA PHE D 123 -12.43 -12.66 21.83
C PHE D 123 -11.47 -12.33 20.66
N LEU D 124 -12.03 -11.83 19.55
CA LEU D 124 -11.22 -11.62 18.34
C LEU D 124 -10.08 -10.63 18.56
N ASP D 125 -10.31 -9.65 19.42
CA ASP D 125 -9.21 -8.74 19.83
C ASP D 125 -8.04 -9.45 20.51
N LEU D 126 -8.34 -10.45 21.33
CA LEU D 126 -7.33 -11.28 21.99
C LEU D 126 -6.73 -12.26 20.99
N CYS D 127 -7.56 -12.79 20.11
CA CYS D 127 -7.03 -13.57 19.00
C CYS D 127 -5.96 -12.75 18.29
N ALA D 128 -6.25 -11.50 17.96
CA ALA D 128 -5.25 -10.59 17.39
C ALA D 128 -3.96 -10.56 18.20
N MET D 129 -4.07 -10.37 19.51
CA MET D 129 -2.88 -10.31 20.33
C MET D 129 -2.09 -11.63 20.32
N LEU D 130 -2.80 -12.76 20.17
CA LEU D 130 -2.17 -14.05 20.07
C LEU D 130 -1.34 -14.16 18.79
N VAL D 131 -1.98 -13.93 17.65
CA VAL D 131 -1.31 -13.96 16.35
C VAL D 131 -0.02 -13.10 16.29
N CYS D 132 -0.04 -11.90 16.83
CA CYS D 132 1.19 -11.07 16.88
C CYS D 132 2.30 -11.76 17.65
N LYS D 133 1.93 -12.36 18.78
CA LYS D 133 2.89 -13.00 19.63
C LYS D 133 3.47 -14.18 18.88
N LEU D 134 2.60 -14.94 18.20
CA LEU D 134 3.04 -16.13 17.49
C LEU D 134 3.82 -15.76 16.26
N PHE D 135 3.77 -14.48 15.88
CA PHE D 135 4.43 -14.08 14.65
C PHE D 135 5.72 -13.36 14.99
N SER D 136 5.78 -12.73 16.15
CA SER D 136 7.00 -12.07 16.63
C SER D 136 7.87 -13.12 17.33
N SER E 4 -9.41 -28.05 33.22
CA SER E 4 -9.49 -26.61 33.61
C SER E 4 -8.67 -26.27 34.87
N GLU E 5 -9.07 -25.18 35.56
CA GLU E 5 -8.50 -24.71 36.85
C GLU E 5 -7.07 -25.19 37.17
N GLN E 6 -6.09 -24.41 36.74
CA GLN E 6 -4.73 -24.91 36.57
C GLN E 6 -3.94 -23.76 36.03
N TYR E 7 -4.66 -22.87 35.39
CA TYR E 7 -4.11 -21.65 34.83
C TYR E 7 -2.86 -21.21 35.58
N SER E 8 -1.76 -21.06 34.84
CA SER E 8 -0.45 -20.90 35.45
C SER E 8 0.60 -20.17 34.61
N THR E 9 1.83 -20.30 35.09
CA THR E 9 3.06 -20.11 34.33
C THR E 9 4.10 -21.14 34.87
N GLU E 10 5.17 -21.45 34.14
CA GLU E 10 5.35 -21.01 32.77
C GLU E 10 5.25 -22.22 31.84
N ILE E 11 5.94 -22.13 30.72
CA ILE E 11 6.06 -23.23 29.79
C ILE E 11 6.40 -24.50 30.56
N PRO E 12 5.63 -25.56 30.31
CA PRO E 12 5.95 -26.90 30.78
C PRO E 12 7.44 -27.23 30.65
N ALA E 13 7.99 -27.93 31.66
CA ALA E 13 9.43 -28.21 31.77
C ALA E 13 9.98 -28.96 30.57
N PHE E 14 9.39 -30.12 30.27
CA PHE E 14 9.60 -30.79 29.00
C PHE E 14 9.18 -29.77 27.93
N LEU E 15 9.63 -29.93 26.69
CA LEU E 15 9.39 -28.92 25.63
C LEU E 15 10.52 -27.88 25.65
N THR E 16 10.78 -27.31 26.83
CA THR E 16 11.98 -26.50 27.01
C THR E 16 13.15 -27.46 27.16
N SER E 17 13.82 -27.40 28.30
CA SER E 17 14.95 -28.28 28.60
C SER E 17 14.51 -29.72 28.93
N ASN E 18 14.77 -30.68 28.04
CA ASN E 18 15.51 -30.47 26.81
C ASN E 18 15.61 -31.74 26.00
N THR E 19 16.03 -32.80 26.67
CA THR E 19 16.53 -34.00 26.01
C THR E 19 15.44 -34.81 25.33
N LEU E 20 14.85 -34.22 24.30
CA LEU E 20 14.21 -34.97 23.24
C LEU E 20 15.38 -35.65 22.49
N GLN E 21 15.16 -36.75 21.75
CA GLN E 21 13.85 -37.24 21.30
C GLN E 21 12.80 -37.55 22.35
N GLU E 22 11.80 -36.65 22.41
CA GLU E 22 10.49 -36.91 23.02
C GLU E 22 10.50 -37.65 24.35
N LEU E 23 9.35 -38.27 24.64
CA LEU E 23 9.29 -39.50 25.43
C LEU E 23 8.84 -40.51 24.38
N LYS E 24 7.56 -40.48 24.03
CA LYS E 24 7.12 -40.87 22.71
C LYS E 24 6.70 -39.57 22.09
N LEU E 25 5.92 -38.82 22.88
CA LEU E 25 5.18 -37.65 22.45
C LEU E 25 4.25 -38.02 21.28
N PRO E 26 2.95 -37.91 21.51
CA PRO E 26 2.05 -38.35 20.46
C PRO E 26 1.79 -37.26 19.44
N LYS E 27 1.14 -37.69 18.37
CA LYS E 27 0.73 -36.84 17.29
C LYS E 27 -0.64 -36.31 17.64
N PRO E 28 -0.88 -35.00 17.44
CA PRO E 28 -2.20 -34.41 17.69
C PRO E 28 -3.28 -35.04 16.81
N PRO E 29 -4.55 -34.92 17.21
CA PRO E 29 -5.58 -35.53 16.38
C PRO E 29 -5.53 -35.05 14.94
N SER E 30 -6.12 -35.82 14.03
CA SER E 30 -6.25 -35.47 12.61
C SER E 30 -7.26 -34.34 12.47
N LEU E 31 -7.27 -33.64 11.34
CA LEU E 31 -8.22 -32.54 11.17
C LEU E 31 -9.63 -33.03 10.76
N PRO E 32 -10.67 -32.79 11.61
CA PRO E 32 -12.05 -33.21 11.31
C PRO E 32 -12.58 -32.58 10.03
N PRO E 33 -13.56 -33.22 9.36
CA PRO E 33 -13.96 -32.60 8.10
C PRO E 33 -14.87 -31.37 8.29
N HIS E 34 -15.54 -31.26 9.44
CA HIS E 34 -16.44 -30.13 9.68
C HIS E 34 -15.67 -28.80 9.87
N LEU E 35 -14.36 -28.88 10.08
CA LEU E 35 -13.52 -27.71 9.88
C LEU E 35 -13.35 -27.61 8.36
N GLU E 36 -12.18 -27.35 7.82
CA GLU E 36 -12.04 -27.45 6.35
C GLU E 36 -12.85 -26.40 5.56
N LYS E 37 -14.17 -26.32 5.80
CA LYS E 37 -15.01 -25.33 5.10
C LYS E 37 -15.48 -24.15 5.95
N CYS E 38 -15.26 -22.97 5.43
CA CYS E 38 -15.68 -21.75 6.09
C CYS E 38 -16.71 -21.01 5.22
N ILE E 39 -17.81 -20.61 5.84
CA ILE E 39 -18.92 -19.96 5.11
C ILE E 39 -18.63 -18.58 4.49
N LEU E 40 -17.58 -17.90 4.97
CA LEU E 40 -17.14 -16.66 4.32
C LEU E 40 -16.61 -16.87 2.90
N ASN E 41 -16.31 -18.11 2.56
CA ASN E 41 -15.67 -18.48 1.29
C ASN E 41 -16.54 -18.43 0.04
N SER E 42 -17.85 -18.46 0.20
CA SER E 42 -18.74 -18.26 -0.95
C SER E 42 -18.51 -16.89 -1.58
N ASN E 43 -17.77 -16.89 -2.69
CA ASN E 43 -17.38 -15.68 -3.45
C ASN E 43 -18.55 -14.86 -3.99
N THR E 44 -18.38 -13.52 -4.02
CA THR E 44 -19.36 -12.57 -4.61
C THR E 44 -20.70 -12.49 -3.87
N ALA E 45 -21.20 -13.65 -3.45
CA ALA E 45 -22.41 -13.78 -2.66
C ALA E 45 -23.73 -13.33 -3.32
N TYR E 46 -24.39 -14.31 -3.93
CA TYR E 46 -25.81 -14.34 -4.34
C TYR E 46 -26.64 -13.08 -4.71
N LYS E 47 -27.92 -13.12 -4.34
CA LYS E 47 -29.05 -12.33 -4.88
C LYS E 47 -28.87 -10.79 -4.94
N GLU E 48 -27.64 -10.37 -4.71
CA GLU E 48 -27.33 -8.99 -4.30
C GLU E 48 -28.08 -8.44 -3.07
N ASP E 49 -28.20 -9.30 -2.07
CA ASP E 49 -27.91 -8.82 -0.74
C ASP E 49 -26.37 -8.85 -0.65
N GLN E 50 -25.76 -10.04 -0.52
CA GLN E 50 -24.27 -10.15 -0.51
C GLN E 50 -23.74 -10.37 0.90
N SER E 51 -24.32 -9.64 1.85
CA SER E 51 -24.13 -9.88 3.28
C SER E 51 -24.73 -11.20 3.69
N VAL E 52 -25.63 -11.74 2.87
CA VAL E 52 -26.33 -12.99 3.17
C VAL E 52 -25.39 -14.18 3.05
N LEU E 53 -25.46 -15.06 4.04
CA LEU E 53 -24.62 -16.27 4.10
C LEU E 53 -25.49 -17.53 4.24
N PRO E 54 -24.91 -18.72 3.99
CA PRO E 54 -25.56 -19.97 4.39
C PRO E 54 -25.64 -20.10 5.92
N ASN E 55 -26.66 -20.79 6.43
CA ASN E 55 -26.74 -21.03 7.87
C ASN E 55 -25.45 -21.71 8.31
N PRO E 56 -24.99 -21.46 9.54
CA PRO E 56 -23.70 -22.05 9.92
C PRO E 56 -23.83 -23.39 10.60
N ASN E 57 -22.77 -24.18 10.54
CA ASN E 57 -22.62 -25.36 11.38
C ASN E 57 -22.44 -24.94 12.84
N HIS E 58 -23.40 -25.37 13.65
CA HIS E 58 -23.50 -25.03 15.08
C HIS E 58 -22.25 -25.34 15.89
N VAL E 59 -21.68 -26.53 15.67
CA VAL E 59 -20.50 -26.97 16.40
C VAL E 59 -19.37 -25.92 16.27
N LEU E 60 -19.50 -25.07 15.25
CA LEU E 60 -18.45 -24.15 14.90
C LEU E 60 -18.67 -22.67 15.27
N LEU E 61 -19.80 -22.35 15.91
CA LEU E 61 -19.91 -21.05 16.53
C LEU E 61 -18.66 -20.74 17.34
N ASN E 62 -18.26 -19.48 17.25
CA ASN E 62 -17.05 -18.93 17.86
C ASN E 62 -15.72 -19.61 17.69
N HIS E 63 -15.48 -20.21 16.53
CA HIS E 63 -14.12 -20.60 16.16
C HIS E 63 -13.52 -19.49 15.32
N LEU E 64 -12.32 -19.08 15.69
CA LEU E 64 -11.53 -18.12 14.94
C LEU E 64 -11.30 -18.59 13.53
N ALA E 65 -11.37 -17.67 12.57
CA ALA E 65 -11.08 -17.92 11.17
C ALA E 65 -10.24 -16.76 10.68
N ALA E 66 -9.44 -16.97 9.64
CA ALA E 66 -8.32 -16.05 9.34
C ALA E 66 -8.10 -16.06 7.86
N ALA E 67 -7.58 -14.96 7.30
CA ALA E 67 -7.17 -14.95 5.88
C ALA E 67 -6.09 -13.94 5.64
N ASN E 68 -5.27 -14.20 4.64
CA ASN E 68 -4.23 -13.26 4.16
C ASN E 68 -4.84 -12.05 3.50
N THR E 69 -4.38 -10.87 3.88
CA THR E 69 -4.92 -9.64 3.28
C THR E 69 -4.13 -9.01 2.13
N GLN E 70 -2.82 -9.25 2.07
CA GLN E 70 -1.92 -8.55 1.11
C GLN E 70 -1.77 -7.05 1.39
N LEU E 71 -2.25 -6.59 2.55
CA LEU E 71 -2.28 -5.19 2.93
C LEU E 71 -1.72 -4.90 4.30
N GLY E 72 -1.14 -5.89 4.96
CA GLY E 72 -0.46 -5.59 6.22
C GLY E 72 -1.37 -5.55 7.43
N VAL E 73 -2.60 -6.07 7.29
CA VAL E 73 -3.54 -6.19 8.39
C VAL E 73 -4.06 -7.60 8.61
N LEU E 74 -4.45 -7.88 9.84
CA LEU E 74 -5.19 -9.07 10.18
C LEU E 74 -6.63 -9.07 9.71
N ALA E 75 -7.05 -10.23 9.20
CA ALA E 75 -8.40 -10.53 8.80
C ALA E 75 -8.85 -11.73 9.65
N LEU E 76 -9.80 -11.47 10.56
CA LEU E 76 -10.18 -12.38 11.62
C LEU E 76 -11.69 -12.42 11.66
N SER E 77 -12.27 -13.61 11.72
CA SER E 77 -13.72 -13.69 11.79
C SER E 77 -14.17 -14.73 12.81
N ALA E 78 -15.49 -14.80 13.00
CA ALA E 78 -16.08 -15.72 13.95
C ALA E 78 -17.55 -15.53 13.81
N THR E 79 -18.25 -16.64 13.69
CA THR E 79 -19.69 -16.63 13.67
C THR E 79 -20.21 -16.85 15.09
N THR E 80 -21.16 -16.02 15.50
CA THR E 80 -21.87 -16.28 16.78
C THR E 80 -23.36 -16.13 16.56
N ARG E 81 -24.15 -16.45 17.59
CA ARG E 81 -25.59 -16.44 17.48
C ARG E 81 -26.04 -15.18 18.16
N TYR E 82 -27.01 -14.46 17.61
CA TYR E 82 -27.54 -13.31 18.34
C TYR E 82 -28.82 -13.61 19.21
N HIS E 83 -29.99 -13.69 18.59
CA HIS E 83 -31.22 -14.17 19.23
C HIS E 83 -31.31 -15.51 18.53
N ARG E 84 -32.16 -15.62 17.53
CA ARG E 84 -32.14 -16.82 16.68
C ARG E 84 -31.42 -16.61 15.33
N LYS E 85 -30.58 -15.76 15.01
CA LYS E 85 -29.91 -15.46 13.76
C LYS E 85 -28.39 -15.45 13.93
N TYR E 86 -27.72 -15.40 13.01
CA TYR E 86 -26.26 -15.64 13.06
C TYR E 86 -25.42 -14.54 12.44
N VAL E 87 -24.51 -14.01 13.26
CA VAL E 87 -23.57 -12.93 12.89
C VAL E 87 -22.13 -13.44 12.67
N THR E 88 -21.69 -13.40 11.40
CA THR E 88 -20.27 -13.69 11.10
C THR E 88 -19.59 -12.35 10.90
N THR E 89 -18.94 -11.90 11.95
CA THR E 89 -18.23 -10.65 11.94
C THR E 89 -16.80 -10.88 11.51
N ALA E 90 -16.35 -10.10 10.53
CA ALA E 90 -15.00 -10.18 10.00
C ALA E 90 -14.33 -8.83 10.27
N MET E 91 -13.26 -8.84 11.05
CA MET E 91 -12.60 -7.63 11.46
C MET E 91 -11.29 -7.49 10.76
N PHE E 92 -11.02 -6.27 10.31
CA PHE E 92 -9.72 -5.91 9.80
C PHE E 92 -9.04 -5.00 10.79
N LYS E 93 -7.84 -5.41 11.20
CA LYS E 93 -7.11 -4.79 12.30
C LYS E 93 -5.64 -4.64 11.98
N ASN E 94 -5.06 -3.51 12.37
CA ASN E 94 -3.62 -3.37 12.35
C ASN E 94 -2.96 -4.39 13.28
N PHE E 95 -1.72 -4.74 12.97
CA PHE E 95 -0.85 -5.46 13.88
C PHE E 95 -0.42 -4.61 15.09
N ASP E 96 0.55 -5.12 15.86
CA ASP E 96 0.85 -4.67 17.24
C ASP E 96 -0.42 -4.88 18.04
N MET F 1 -63.56 5.53 -0.85
CA MET F 1 -63.10 6.85 -0.31
C MET F 1 -62.19 7.46 -1.35
N ASP F 2 -61.85 8.75 -1.21
CA ASP F 2 -60.97 9.37 -2.22
C ASP F 2 -59.51 8.86 -2.18
N VAL F 3 -58.77 9.08 -3.28
CA VAL F 3 -57.40 8.59 -3.47
C VAL F 3 -56.48 9.04 -2.35
N GLN F 4 -56.62 10.31 -1.95
CA GLN F 4 -55.84 10.92 -0.88
C GLN F 4 -56.05 10.16 0.44
N GLU F 5 -57.30 9.81 0.73
CA GLU F 5 -57.62 9.19 1.99
C GLU F 5 -57.21 7.74 2.02
N THR F 6 -57.37 7.05 0.90
CA THR F 6 -56.87 5.68 0.76
C THR F 6 -55.39 5.59 1.11
N GLN F 7 -54.58 6.51 0.57
CA GLN F 7 -53.16 6.60 0.87
C GLN F 7 -52.98 6.76 2.38
N LYS F 8 -53.70 7.72 2.95
CA LYS F 8 -53.59 7.94 4.38
C LYS F 8 -53.91 6.67 5.21
N GLY F 9 -54.82 5.84 4.73
CA GLY F 9 -55.14 4.61 5.42
C GLY F 9 -54.01 3.63 5.25
N ALA F 10 -53.57 3.49 4.01
CA ALA F 10 -52.41 2.69 3.73
C ALA F 10 -51.19 3.07 4.62
N LEU F 11 -50.91 4.36 4.78
CA LEU F 11 -49.78 4.82 5.55
C LEU F 11 -49.93 4.52 7.03
N LYS F 12 -51.16 4.65 7.57
CA LYS F 12 -51.39 4.24 8.96
C LYS F 12 -51.03 2.78 9.18
N GLU F 13 -51.41 1.94 8.23
CA GLU F 13 -51.13 0.54 8.30
C GLU F 13 -49.62 0.21 8.24
N ILE F 14 -48.87 0.91 7.39
CA ILE F 14 -47.41 0.69 7.28
C ILE F 14 -46.70 1.17 8.54
N GLN F 15 -47.10 2.32 9.06
CA GLN F 15 -46.64 2.74 10.37
C GLN F 15 -46.86 1.69 11.46
N ALA F 16 -48.06 1.11 11.49
CA ALA F 16 -48.35 0.15 12.51
C ALA F 16 -47.35 -1.00 12.30
N PHE F 17 -47.25 -1.47 11.06
CA PHE F 17 -46.31 -2.55 10.74
C PHE F 17 -44.86 -2.16 11.14
N ILE F 18 -44.45 -0.93 10.84
CA ILE F 18 -43.06 -0.58 11.11
C ILE F 18 -42.79 -0.60 12.60
N ARG F 19 -43.71 -0.01 13.37
CA ARG F 19 -43.67 -0.06 14.83
C ARG F 19 -43.67 -1.47 15.43
N SER F 20 -44.37 -2.42 14.81
CA SER F 20 -44.51 -3.76 15.42
C SER F 20 -43.25 -4.57 15.26
N ARG F 21 -42.54 -4.37 14.16
CA ARG F 21 -41.34 -5.11 13.92
C ARG F 21 -40.20 -4.54 14.72
N THR F 22 -39.15 -5.36 14.82
CA THR F 22 -37.86 -4.96 15.39
C THR F 22 -36.87 -4.76 14.27
N SER F 23 -35.86 -3.93 14.52
CA SER F 23 -34.71 -3.85 13.61
C SER F 23 -34.18 -5.27 13.34
N TYR F 24 -34.06 -6.07 14.39
CA TYR F 24 -33.65 -7.45 14.19
C TYR F 24 -34.50 -8.27 13.19
N ASP F 25 -35.77 -7.92 12.98
CA ASP F 25 -36.59 -8.65 12.01
C ASP F 25 -36.24 -8.41 10.58
N VAL F 26 -35.63 -7.27 10.30
CA VAL F 26 -35.11 -6.99 8.98
C VAL F 26 -33.94 -7.90 8.60
N LEU F 27 -33.26 -8.47 9.60
CA LEU F 27 -32.00 -9.13 9.29
C LEU F 27 -32.19 -10.46 8.59
N PRO F 28 -31.25 -10.76 7.71
CA PRO F 28 -31.33 -12.10 7.18
C PRO F 28 -30.98 -13.12 8.27
N THR F 29 -31.31 -14.38 8.03
CA THR F 29 -31.10 -15.42 9.02
C THR F 29 -29.60 -15.65 9.37
N SER F 30 -28.74 -15.58 8.36
CA SER F 30 -27.29 -15.75 8.50
C SER F 30 -26.65 -14.70 7.65
N PHE F 31 -25.81 -13.88 8.26
CA PHE F 31 -25.27 -12.78 7.51
C PHE F 31 -23.90 -12.42 7.98
N ARG F 32 -23.29 -11.52 7.17
CA ARG F 32 -21.92 -11.07 7.33
C ARG F 32 -21.90 -9.61 7.80
N LEU F 33 -20.94 -9.31 8.67
CA LEU F 33 -20.73 -7.98 9.13
C LEU F 33 -19.22 -7.73 9.17
N ILE F 34 -18.77 -6.73 8.40
CA ILE F 34 -17.37 -6.35 8.25
C ILE F 34 -17.09 -5.16 9.13
N VAL F 35 -16.09 -5.29 10.00
CA VAL F 35 -15.74 -4.24 10.95
C VAL F 35 -14.30 -3.73 10.70
N PHE F 36 -14.09 -2.43 10.89
CA PHE F 36 -12.78 -1.82 10.77
C PHE F 36 -12.29 -1.23 12.08
N ASP F 37 -11.01 -1.45 12.33
CA ASP F 37 -10.29 -0.92 13.47
C ASP F 37 -10.23 0.56 13.17
N VAL F 38 -10.48 1.42 14.16
CA VAL F 38 -10.38 2.84 13.88
C VAL F 38 -8.99 3.28 13.52
N THR F 39 -7.99 2.49 13.93
CA THR F 39 -6.58 2.82 13.72
C THR F 39 -6.05 2.37 12.32
N LEU F 40 -6.90 1.79 11.49
CA LEU F 40 -6.51 1.49 10.11
C LEU F 40 -6.11 2.77 9.35
N PHE F 41 -5.18 2.68 8.41
CA PHE F 41 -5.02 3.79 7.47
C PHE F 41 -6.16 3.81 6.45
N VAL F 42 -6.35 5.03 5.97
CA VAL F 42 -7.35 5.34 4.97
C VAL F 42 -7.12 4.52 3.72
N LYS F 43 -5.86 4.43 3.30
CA LYS F 43 -5.59 3.81 2.01
C LYS F 43 -5.90 2.34 2.07
N THR F 44 -5.60 1.74 3.22
CA THR F 44 -6.01 0.38 3.58
C THR F 44 -7.55 0.30 3.60
N SER F 45 -8.19 1.29 4.20
CA SER F 45 -9.67 1.33 4.21
C SER F 45 -10.33 1.35 2.84
N LEU F 46 -9.83 2.20 1.95
CA LEU F 46 -10.36 2.22 0.60
C LEU F 46 -10.19 0.88 -0.11
N SER F 47 -9.05 0.21 0.07
CA SER F 47 -8.84 -1.06 -0.60
C SER F 47 -9.80 -2.11 -0.09
N LEU F 48 -9.93 -2.25 1.23
CA LEU F 48 -10.83 -3.23 1.80
C LEU F 48 -12.24 -2.96 1.31
N LEU F 49 -12.70 -1.70 1.46
CA LEU F 49 -14.02 -1.30 0.97
C LEU F 49 -14.27 -1.72 -0.46
N THR F 50 -13.41 -1.26 -1.36
CA THR F 50 -13.49 -1.60 -2.76
C THR F 50 -13.45 -3.12 -2.91
N LEU F 51 -12.46 -3.74 -2.30
CA LEU F 51 -12.32 -5.18 -2.39
C LEU F 51 -13.59 -5.95 -1.99
N ASN F 52 -14.30 -5.47 -0.98
CA ASN F 52 -15.43 -6.23 -0.50
C ASN F 52 -16.74 -5.78 -1.15
N ASN F 53 -16.63 -4.82 -2.05
CA ASN F 53 -17.79 -4.34 -2.78
C ASN F 53 -18.79 -3.80 -1.79
N ILE F 54 -18.27 -3.06 -0.82
CA ILE F 54 -19.10 -2.30 0.13
C ILE F 54 -18.72 -0.81 0.18
N VAL F 55 -19.61 0.01 0.69
CA VAL F 55 -19.35 1.42 0.65
C VAL F 55 -19.42 1.96 2.07
N SER F 56 -19.44 1.06 3.04
CA SER F 56 -19.56 1.44 4.42
C SER F 56 -19.04 0.37 5.34
N ALA F 57 -18.66 0.76 6.55
CA ALA F 57 -18.24 -0.17 7.61
C ALA F 57 -18.29 0.51 8.99
N PRO F 58 -18.78 -0.20 10.01
CA PRO F 58 -18.71 0.40 11.32
C PRO F 58 -17.30 0.29 11.91
N LEU F 59 -16.90 1.27 12.71
CA LEU F 59 -15.55 1.33 13.23
C LEU F 59 -15.50 0.79 14.63
N TRP F 60 -14.36 0.17 14.96
CA TRP F 60 -14.19 -0.53 16.23
C TRP F 60 -13.00 0.01 16.99
N ASP F 61 -13.22 0.45 18.23
CA ASP F 61 -12.16 0.98 19.07
C ASP F 61 -11.76 -0.02 20.15
N SER F 62 -10.58 -0.59 20.02
CA SER F 62 -10.33 -1.95 20.49
C SER F 62 -9.61 -1.94 21.84
N GLU F 63 -8.97 -0.82 22.16
CA GLU F 63 -8.65 -0.48 23.53
C GLU F 63 -9.91 -0.37 24.39
N ALA F 64 -10.92 0.31 23.85
CA ALA F 64 -12.17 0.53 24.57
C ALA F 64 -13.14 -0.67 24.48
N ASN F 65 -13.10 -1.40 23.37
CA ASN F 65 -14.14 -2.38 23.00
C ASN F 65 -15.49 -1.68 22.75
N LYS F 66 -15.42 -0.48 22.16
CA LYS F 66 -16.58 0.30 21.87
C LYS F 66 -16.68 0.53 20.38
N PHE F 67 -17.91 0.67 19.92
CA PHE F 67 -18.21 1.15 18.60
C PHE F 67 -17.65 2.56 18.49
N ALA F 68 -17.09 2.91 17.32
CA ALA F 68 -16.33 4.14 17.16
C ALA F 68 -16.84 4.97 15.98
N GLY F 69 -18.11 4.75 15.63
CA GLY F 69 -18.77 5.50 14.59
C GLY F 69 -18.78 4.75 13.28
N LEU F 70 -19.40 5.31 12.29
CA LEU F 70 -19.68 4.55 11.09
C LEU F 70 -18.93 5.16 9.92
N LEU F 71 -18.10 4.40 9.22
CA LEU F 71 -17.38 4.94 8.06
C LEU F 71 -18.20 4.87 6.76
N THR F 72 -18.32 6.01 6.08
CA THR F 72 -19.07 6.12 4.84
C THR F 72 -18.32 6.99 3.83
N MET F 73 -18.87 7.09 2.63
CA MET F 73 -18.26 7.90 1.60
C MET F 73 -18.24 9.37 1.99
N ALA F 74 -19.17 9.77 2.83
CA ALA F 74 -19.23 11.16 3.31
C ALA F 74 -17.94 11.54 4.02
N ASP F 75 -17.28 10.61 4.71
CA ASP F 75 -16.03 10.96 5.39
C ASP F 75 -14.98 11.38 4.39
N PHE F 76 -14.72 10.55 3.39
CA PHE F 76 -13.73 10.86 2.41
C PHE F 76 -14.12 12.15 1.70
N VAL F 77 -15.37 12.24 1.31
CA VAL F 77 -15.80 13.37 0.54
C VAL F 77 -15.56 14.63 1.33
N ASN F 78 -15.86 14.65 2.62
CA ASN F 78 -15.74 15.90 3.36
C ASN F 78 -14.29 16.22 3.58
N VAL F 79 -13.47 15.20 3.73
CA VAL F 79 -12.10 15.51 4.06
C VAL F 79 -11.42 15.96 2.80
N ILE F 80 -11.72 15.29 1.69
CA ILE F 80 -11.12 15.65 0.41
C ILE F 80 -11.41 17.11 0.03
N LYS F 81 -12.65 17.54 0.30
CA LYS F 81 -13.07 18.87 -0.03
C LYS F 81 -12.41 19.88 0.89
N TYR F 82 -12.37 19.57 2.18
CA TYR F 82 -11.72 20.46 3.11
C TYR F 82 -10.26 20.73 2.73
N TYR F 83 -9.50 19.71 2.35
CA TYR F 83 -8.09 19.90 1.99
C TYR F 83 -7.96 20.54 0.63
N TYR F 84 -8.85 20.17 -0.26
CA TYR F 84 -8.83 20.71 -1.58
C TYR F 84 -9.04 22.24 -1.62
N GLN F 85 -9.95 22.77 -0.81
CA GLN F 85 -10.22 24.19 -0.87
C GLN F 85 -9.20 25.08 -0.16
N SER F 86 -8.31 24.48 0.62
CA SER F 86 -7.33 25.29 1.34
C SER F 86 -5.86 25.00 0.95
N SER F 87 -5.65 24.23 -0.10
CA SER F 87 -4.30 23.94 -0.55
C SER F 87 -4.12 24.46 -1.97
N SER F 88 -2.90 24.86 -2.28
CA SER F 88 -2.61 25.35 -3.61
C SER F 88 -1.79 24.33 -4.38
N PHE F 89 -1.53 23.18 -3.74
CA PHE F 89 -0.82 22.10 -4.41
C PHE F 89 -1.69 20.85 -4.47
N PRO F 90 -2.14 20.47 -5.68
CA PRO F 90 -2.98 19.31 -5.92
C PRO F 90 -2.43 18.03 -5.28
N GLU F 91 -1.16 17.71 -5.44
CA GLU F 91 -0.69 16.41 -4.96
C GLU F 91 -0.77 16.28 -3.44
N ALA F 92 -0.83 17.39 -2.71
CA ALA F 92 -0.86 17.35 -1.25
C ALA F 92 -2.04 16.53 -0.77
N ILE F 93 -3.02 16.38 -1.66
CA ILE F 93 -4.27 15.75 -1.30
C ILE F 93 -4.03 14.28 -1.03
N ALA F 94 -3.00 13.72 -1.68
CA ALA F 94 -2.71 12.33 -1.56
C ALA F 94 -2.26 11.99 -0.15
N GLU F 95 -2.11 12.97 0.71
CA GLU F 95 -1.59 12.68 2.05
C GLU F 95 -2.67 12.05 2.92
N ILE F 96 -3.91 12.22 2.48
CA ILE F 96 -5.06 11.73 3.22
C ILE F 96 -4.94 10.24 3.43
N ASP F 97 -4.43 9.54 2.42
CA ASP F 97 -3.98 8.15 2.51
C ASP F 97 -3.26 7.72 3.80
N LYS F 98 -2.45 8.61 4.36
CA LYS F 98 -1.59 8.29 5.50
C LYS F 98 -2.22 8.60 6.87
N PHE F 99 -3.43 9.16 6.85
CA PHE F 99 -4.25 9.30 8.04
C PHE F 99 -4.76 7.94 8.48
N ARG F 100 -4.96 7.79 9.79
CA ARG F 100 -5.67 6.66 10.33
C ARG F 100 -7.13 7.05 10.31
N LEU F 101 -8.04 6.08 10.37
CA LEU F 101 -9.46 6.40 10.40
C LEU F 101 -9.77 7.32 11.58
N LEU F 102 -9.20 7.02 12.75
CA LEU F 102 -9.36 7.90 13.91
C LEU F 102 -9.09 9.39 13.58
N GLY F 103 -8.05 9.65 12.78
CA GLY F 103 -7.64 11.00 12.45
C GLY F 103 -8.60 11.65 11.49
N LEU F 104 -9.02 10.87 10.51
CA LEU F 104 -9.92 11.37 9.50
C LEU F 104 -11.13 11.97 10.19
N ARG F 105 -11.61 11.26 11.21
CA ARG F 105 -12.78 11.67 11.94
C ARG F 105 -12.48 12.94 12.72
N GLU F 106 -11.28 13.03 13.28
CA GLU F 106 -10.89 14.22 14.03
C GLU F 106 -10.97 15.44 13.14
N VAL F 107 -10.53 15.30 11.90
CA VAL F 107 -10.62 16.41 10.97
C VAL F 107 -12.08 16.86 10.74
N GLU F 108 -13.01 15.91 10.76
CA GLU F 108 -14.40 16.22 10.48
C GLU F 108 -15.02 16.96 11.68
N ARG F 109 -14.60 16.56 12.88
CA ARG F 109 -15.04 17.21 14.11
C ARG F 109 -14.49 18.63 14.22
N LYS F 110 -13.22 18.83 13.90
CA LYS F 110 -12.65 20.17 13.89
C LYS F 110 -13.23 21.11 12.82
N ILE F 111 -13.86 20.57 11.78
CA ILE F 111 -14.52 21.42 10.80
C ILE F 111 -16.03 21.40 10.97
N GLY F 112 -16.49 20.65 11.97
CA GLY F 112 -17.88 20.71 12.43
C GLY F 112 -18.83 19.98 11.53
N ALA F 113 -18.35 18.87 10.97
CA ALA F 113 -19.12 18.08 9.99
C ALA F 113 -19.59 16.75 10.58
N ILE F 114 -18.95 16.29 11.67
CA ILE F 114 -19.48 15.17 12.44
C ILE F 114 -19.89 15.62 13.85
N PRO F 115 -21.09 15.21 14.29
CA PRO F 115 -21.71 15.53 15.58
C PRO F 115 -20.83 15.20 16.78
N PRO F 116 -21.16 15.80 17.95
CA PRO F 116 -20.67 15.40 19.26
C PRO F 116 -20.18 13.96 19.24
N GLU F 117 -21.11 12.98 19.15
CA GLU F 117 -20.76 11.54 19.15
C GLU F 117 -21.72 10.51 18.42
N THR F 118 -21.32 9.25 18.57
CA THR F 118 -21.96 8.00 18.15
C THR F 118 -23.50 7.85 18.25
N ILE F 119 -24.17 7.38 17.20
CA ILE F 119 -25.61 7.08 17.31
C ILE F 119 -26.04 5.69 16.78
N TYR F 120 -26.89 5.02 17.57
CA TYR F 120 -27.32 3.66 17.25
C TYR F 120 -28.62 3.26 18.00
N VAL F 121 -29.12 2.07 17.70
CA VAL F 121 -30.31 1.57 18.35
C VAL F 121 -30.12 0.10 18.69
N HIS F 122 -30.92 -0.40 19.64
CA HIS F 122 -30.90 -1.77 20.04
C HIS F 122 -31.56 -2.59 18.93
N PRO F 123 -30.95 -3.72 18.55
CA PRO F 123 -31.51 -4.54 17.49
C PRO F 123 -32.90 -5.10 17.79
N MET F 124 -33.19 -5.32 19.07
CA MET F 124 -34.48 -5.85 19.56
C MET F 124 -35.44 -4.71 19.98
N HIS F 125 -35.18 -3.48 19.52
CA HIS F 125 -36.08 -2.36 19.71
C HIS F 125 -36.82 -2.11 18.45
N SER F 126 -37.89 -1.36 18.55
CA SER F 126 -38.74 -1.17 17.40
C SER F 126 -37.98 -0.63 16.17
N LEU F 127 -38.27 -1.23 15.04
CA LEU F 127 -37.75 -0.75 13.78
C LEU F 127 -38.04 0.72 13.54
N MET F 128 -39.14 1.22 14.11
CA MET F 128 -39.46 2.67 13.98
C MET F 128 -38.43 3.51 14.77
N ASP F 129 -37.83 2.92 15.79
CA ASP F 129 -36.83 3.68 16.51
C ASP F 129 -35.67 3.96 15.55
N ALA F 130 -35.31 2.97 14.77
CA ALA F 130 -34.26 3.10 13.79
C ALA F 130 -34.58 4.12 12.72
N CYS F 131 -35.83 4.13 12.24
CA CYS F 131 -36.20 5.12 11.25
C CYS F 131 -36.16 6.55 11.78
N LEU F 132 -36.62 6.75 13.02
CA LEU F 132 -36.66 8.10 13.61
C LEU F 132 -35.25 8.62 13.90
N ALA F 133 -34.42 7.74 14.46
CA ALA F 133 -33.03 8.06 14.66
C ALA F 133 -32.38 8.51 13.37
N MET F 134 -32.62 7.76 12.29
CA MET F 134 -32.02 8.08 11.00
C MET F 134 -32.59 9.39 10.47
N SER F 135 -33.88 9.59 10.69
CA SER F 135 -34.51 10.81 10.29
C SER F 135 -33.91 12.04 10.99
N LYS F 136 -33.67 11.94 12.29
CA LYS F 136 -33.20 13.10 13.05
C LYS F 136 -31.71 13.37 12.83
N SER F 137 -30.96 12.37 12.38
CA SER F 137 -29.54 12.49 12.15
C SER F 137 -29.20 12.76 10.70
N ARG F 138 -30.22 12.89 9.86
CA ARG F 138 -30.01 12.87 8.41
C ARG F 138 -29.11 11.73 7.94
N ALA F 139 -29.07 10.63 8.69
CA ALA F 139 -28.28 9.47 8.27
C ALA F 139 -29.01 8.55 7.29
N ARG F 140 -28.28 7.84 6.43
CA ARG F 140 -28.89 6.88 5.51
C ARG F 140 -28.71 5.46 6.04
N ARG F 141 -28.00 5.38 7.16
CA ARG F 141 -27.75 4.09 7.78
C ARG F 141 -27.57 4.21 9.27
N ILE F 142 -27.89 3.13 9.98
CA ILE F 142 -27.78 3.13 11.43
C ILE F 142 -27.35 1.77 11.98
N PRO F 143 -26.29 1.76 12.80
CA PRO F 143 -25.75 0.51 13.36
C PRO F 143 -26.65 -0.05 14.45
N LEU F 144 -26.82 -1.36 14.46
CA LEU F 144 -27.61 -1.99 15.52
C LEU F 144 -26.64 -2.51 16.53
N ILE F 145 -26.57 -1.87 17.69
CA ILE F 145 -25.64 -2.28 18.77
C ILE F 145 -26.38 -2.71 20.02
N ASP F 146 -25.88 -3.74 20.69
CA ASP F 146 -26.43 -4.18 21.97
C ASP F 146 -25.28 -4.22 23.01
N VAL F 147 -25.39 -3.54 24.15
CA VAL F 147 -24.28 -3.61 25.14
C VAL F 147 -24.33 -4.81 26.09
N ASP F 148 -23.33 -5.67 26.02
CA ASP F 148 -23.14 -6.80 26.96
C ASP F 148 -22.71 -6.40 28.41
N GLY F 149 -23.58 -6.69 29.39
CA GLY F 149 -23.32 -6.36 30.81
C GLY F 149 -22.12 -7.04 31.47
N GLU F 150 -21.90 -8.32 31.14
CA GLU F 150 -20.72 -9.05 31.59
C GLU F 150 -19.41 -8.27 31.31
N THR F 151 -19.23 -7.86 30.06
CA THR F 151 -17.95 -7.32 29.63
C THR F 151 -17.94 -5.80 29.42
N GLY F 152 -19.10 -5.20 29.21
CA GLY F 152 -19.16 -3.78 28.90
C GLY F 152 -18.99 -3.56 27.40
N SER F 153 -18.36 -4.52 26.75
CA SER F 153 -18.24 -4.51 25.31
C SER F 153 -19.61 -4.27 24.67
N GLU F 154 -19.60 -3.50 23.60
CA GLU F 154 -20.77 -3.22 22.82
C GLU F 154 -20.78 -4.17 21.64
N MET F 155 -21.86 -4.92 21.44
CA MET F 155 -21.91 -5.90 20.38
C MET F 155 -22.58 -5.32 19.14
N ILE F 156 -21.78 -5.03 18.08
CA ILE F 156 -22.34 -4.51 16.82
C ILE F 156 -23.02 -5.66 16.13
N VAL F 157 -24.32 -5.60 15.91
CA VAL F 157 -24.95 -6.76 15.28
C VAL F 157 -24.91 -6.61 13.77
N SER F 158 -25.14 -5.40 13.32
CA SER F 158 -25.27 -5.11 11.92
C SER F 158 -25.50 -3.62 11.75
N VAL F 159 -25.59 -3.21 10.49
CA VAL F 159 -25.85 -1.86 10.09
C VAL F 159 -27.07 -1.92 9.18
N LEU F 160 -28.00 -1.04 9.45
CA LEU F 160 -29.26 -1.06 8.75
C LEU F 160 -29.32 0.14 7.80
N THR F 161 -29.64 -0.12 6.53
CA THR F 161 -29.80 0.97 5.54
C THR F 161 -31.26 1.29 5.18
N GLN F 162 -31.53 2.52 4.79
CA GLN F 162 -32.88 2.84 4.45
C GLN F 162 -33.36 2.04 3.23
N TYR F 163 -32.44 1.70 2.33
CA TYR F 163 -32.78 0.82 1.22
C TYR F 163 -33.33 -0.50 1.73
N ARG F 164 -32.58 -1.13 2.62
CA ARG F 164 -33.04 -2.41 3.15
C ARG F 164 -34.36 -2.36 3.96
N ILE F 165 -34.64 -1.21 4.57
CA ILE F 165 -35.82 -1.08 5.40
C ILE F 165 -37.00 -0.94 4.45
N LEU F 166 -36.84 -0.05 3.49
CA LEU F 166 -37.84 0.19 2.48
C LEU F 166 -38.12 -1.11 1.71
N LYS F 167 -37.08 -1.88 1.40
CA LYS F 167 -37.28 -3.10 0.69
C LYS F 167 -38.02 -4.08 1.60
N PHE F 168 -37.65 -4.13 2.87
CA PHE F 168 -38.35 -4.96 3.84
C PHE F 168 -39.86 -4.63 3.83
N ILE F 169 -40.22 -3.36 3.88
CA ILE F 169 -41.63 -2.96 3.86
C ILE F 169 -42.31 -3.40 2.56
N SER F 170 -41.70 -3.11 1.41
CA SER F 170 -42.32 -3.45 0.14
C SER F 170 -42.63 -4.93 0.07
N MET F 171 -41.91 -5.74 0.82
CA MET F 171 -42.14 -7.19 0.81
C MET F 171 -43.11 -7.69 1.86
N ASN F 172 -43.65 -6.82 2.69
CA ASN F 172 -44.42 -7.29 3.81
C ASN F 172 -45.68 -6.46 4.02
N CYS F 173 -45.86 -5.47 3.16
CA CYS F 173 -47.00 -4.62 3.23
C CYS F 173 -47.59 -4.57 1.85
N LYS F 174 -48.67 -5.33 1.66
CA LYS F 174 -49.47 -5.24 0.44
C LYS F 174 -50.02 -3.83 0.33
N GLU F 175 -50.10 -3.12 1.46
CA GLU F 175 -50.66 -1.78 1.53
C GLU F 175 -49.86 -0.72 0.76
N THR F 176 -48.69 -1.09 0.23
CA THR F 176 -47.93 -0.17 -0.63
C THR F 176 -48.69 0.02 -1.94
N ALA F 177 -49.54 -0.95 -2.27
CA ALA F 177 -50.32 -0.95 -3.51
C ALA F 177 -51.46 0.06 -3.44
N MET F 178 -51.64 0.64 -2.26
CA MET F 178 -52.74 1.55 -2.06
C MET F 178 -52.20 2.98 -1.93
N LEU F 179 -50.93 3.16 -2.27
CA LEU F 179 -50.35 4.49 -2.32
C LEU F 179 -50.37 4.94 -3.77
N ARG F 180 -51.45 5.64 -4.15
CA ARG F 180 -51.75 5.99 -5.54
C ARG F 180 -51.87 7.49 -5.69
N VAL F 181 -51.56 8.23 -4.65
CA VAL F 181 -51.52 9.65 -4.78
C VAL F 181 -50.26 10.03 -5.57
N PRO F 182 -50.41 10.90 -6.58
CA PRO F 182 -49.22 11.29 -7.32
C PRO F 182 -48.33 12.33 -6.60
N LEU F 183 -47.05 12.32 -6.96
CA LEU F 183 -46.02 13.11 -6.29
C LEU F 183 -46.26 14.60 -6.31
N ASN F 184 -46.80 15.12 -7.43
CA ASN F 184 -47.00 16.57 -7.60
C ASN F 184 -48.04 17.17 -6.64
N GLN F 185 -48.99 16.34 -6.23
CA GLN F 185 -49.87 16.69 -5.13
C GLN F 185 -49.43 16.12 -3.76
N MET F 186 -48.15 16.29 -3.40
CA MET F 186 -47.64 15.60 -2.21
C MET F 186 -46.66 16.29 -1.26
N THR F 187 -45.77 17.15 -1.76
CA THR F 187 -44.64 17.66 -0.94
C THR F 187 -43.83 16.52 -0.30
N ILE F 188 -42.93 15.99 -1.14
CA ILE F 188 -41.97 14.97 -0.85
C ILE F 188 -40.90 15.26 -1.90
N GLY F 189 -39.62 15.13 -1.55
CA GLY F 189 -38.55 15.38 -2.54
C GLY F 189 -38.04 16.81 -2.65
N THR F 190 -37.05 17.00 -3.53
CA THR F 190 -36.41 18.30 -3.70
C THR F 190 -36.58 18.77 -5.13
N TRP F 191 -37.10 19.98 -5.31
CA TRP F 191 -37.47 20.46 -6.65
C TRP F 191 -36.79 21.75 -7.02
N SER F 192 -35.93 22.23 -6.14
CA SER F 192 -35.26 23.52 -6.34
C SER F 192 -33.83 23.46 -5.79
N ASN F 193 -32.95 24.34 -6.31
CA ASN F 193 -31.60 24.48 -5.76
C ASN F 193 -30.84 23.16 -5.96
N LEU F 194 -31.15 22.49 -7.06
CA LEU F 194 -30.59 21.16 -7.28
C LEU F 194 -29.09 21.28 -7.57
N ALA F 195 -28.27 20.53 -6.87
CA ALA F 195 -26.91 20.41 -7.31
C ALA F 195 -26.87 19.53 -8.56
N THR F 196 -26.47 20.10 -9.69
CA THR F 196 -26.28 19.34 -10.90
C THR F 196 -24.89 19.60 -11.46
N ALA F 197 -24.45 18.76 -12.41
CA ALA F 197 -23.16 18.94 -13.08
C ALA F 197 -23.26 18.60 -14.59
N SER F 198 -22.25 19.00 -15.36
CA SER F 198 -22.13 18.66 -16.78
C SER F 198 -20.97 17.72 -17.05
N MET F 199 -20.87 17.22 -18.28
CA MET F 199 -19.81 16.30 -18.62
C MET F 199 -18.44 16.95 -18.43
N GLU F 200 -18.38 18.28 -18.59
CA GLU F 200 -17.15 19.08 -18.51
C GLU F 200 -16.79 19.57 -17.10
N THR F 201 -17.67 19.30 -16.14
CA THR F 201 -17.45 19.66 -14.74
C THR F 201 -16.36 18.75 -14.21
N LYS F 202 -15.36 19.32 -13.55
CA LYS F 202 -14.27 18.51 -12.99
C LYS F 202 -14.72 17.82 -11.71
N VAL F 203 -14.15 16.64 -11.46
CA VAL F 203 -14.57 15.83 -10.33
C VAL F 203 -14.40 16.52 -8.97
N TYR F 204 -13.29 17.23 -8.78
CA TYR F 204 -13.15 18.01 -7.55
C TYR F 204 -14.30 18.99 -7.32
N ASP F 205 -14.95 19.46 -8.39
CA ASP F 205 -16.10 20.35 -8.25
C ASP F 205 -17.41 19.64 -7.87
N VAL F 206 -17.47 18.36 -8.19
CA VAL F 206 -18.59 17.56 -7.82
C VAL F 206 -18.44 17.23 -6.34
N ILE F 207 -17.22 16.86 -5.96
CA ILE F 207 -16.89 16.56 -4.59
C ILE F 207 -17.37 17.72 -3.71
N LYS F 208 -17.10 18.95 -4.13
CA LYS F 208 -17.42 20.11 -3.29
C LYS F 208 -18.93 20.26 -3.13
N MET F 209 -19.65 20.06 -4.24
CA MET F 209 -21.10 19.97 -4.24
C MET F 209 -21.57 18.87 -3.29
N LEU F 210 -20.95 17.67 -3.41
CA LEU F 210 -21.28 16.53 -2.57
C LEU F 210 -21.22 16.89 -1.11
N ALA F 211 -20.12 17.50 -0.70
CA ALA F 211 -19.93 17.88 0.68
C ALA F 211 -20.84 19.04 1.10
N GLU F 212 -20.95 20.05 0.27
CA GLU F 212 -21.59 21.27 0.70
C GLU F 212 -23.07 21.02 0.96
N LYS F 213 -23.72 20.36 0.02
CA LYS F 213 -25.14 19.95 0.18
C LYS F 213 -25.25 18.65 0.95
N ASN F 214 -24.12 18.00 1.26
CA ASN F 214 -24.11 16.73 1.98
C ASN F 214 -25.01 15.67 1.33
N ILE F 215 -24.71 15.36 0.07
CA ILE F 215 -25.53 14.48 -0.76
C ILE F 215 -24.64 13.38 -1.26
N SER F 216 -25.23 12.36 -1.89
CA SER F 216 -24.47 11.19 -2.26
C SER F 216 -24.31 11.02 -3.76
N ALA F 217 -25.06 11.79 -4.53
CA ALA F 217 -24.99 11.74 -5.97
C ALA F 217 -25.33 13.14 -6.56
N VAL F 218 -24.97 13.33 -7.82
CA VAL F 218 -25.11 14.60 -8.49
C VAL F 218 -25.56 14.26 -9.91
N PRO F 219 -26.75 14.70 -10.29
CA PRO F 219 -27.18 14.35 -11.65
C PRO F 219 -26.32 15.07 -12.68
N ILE F 220 -26.15 14.47 -13.84
CA ILE F 220 -25.45 15.16 -14.91
C ILE F 220 -26.42 15.52 -16.00
N VAL F 221 -26.46 16.82 -16.27
CA VAL F 221 -27.38 17.39 -17.25
C VAL F 221 -26.62 18.21 -18.31
N ASN F 222 -27.23 18.42 -19.48
CA ASN F 222 -26.67 19.37 -20.43
C ASN F 222 -27.35 20.72 -20.17
N SER F 223 -26.90 21.81 -20.79
CA SER F 223 -27.63 23.09 -20.70
C SER F 223 -29.00 22.76 -21.19
N GLU F 224 -30.00 23.56 -20.89
CA GLU F 224 -31.36 23.09 -21.28
C GLU F 224 -31.87 21.85 -20.51
N GLY F 225 -31.03 21.31 -19.63
CA GLY F 225 -31.51 20.58 -18.47
C GLY F 225 -31.90 19.11 -18.59
N THR F 226 -31.62 18.49 -19.73
CA THR F 226 -31.97 17.09 -19.85
C THR F 226 -31.03 16.18 -19.06
N LEU F 227 -31.57 15.07 -18.57
CA LEU F 227 -30.82 14.13 -17.77
C LEU F 227 -30.01 13.26 -18.70
N LEU F 228 -28.71 13.19 -18.41
CA LEU F 228 -27.75 12.41 -19.16
C LEU F 228 -27.24 11.24 -18.35
N ASN F 229 -26.93 11.47 -17.09
CA ASN F 229 -26.24 10.47 -16.31
C ASN F 229 -26.18 10.88 -14.84
N VAL F 230 -25.33 10.23 -14.08
CA VAL F 230 -25.26 10.53 -12.66
C VAL F 230 -23.88 10.24 -12.17
N TYR F 231 -23.39 11.09 -11.28
CA TYR F 231 -22.07 10.87 -10.71
C TYR F 231 -22.21 10.65 -9.23
N GLU F 232 -21.89 9.44 -8.76
CA GLU F 232 -22.15 9.07 -7.36
C GLU F 232 -20.91 9.31 -6.51
N SER F 233 -21.10 9.50 -5.22
CA SER F 233 -19.94 9.57 -4.33
C SER F 233 -19.14 8.30 -4.35
N VAL F 234 -19.76 7.16 -4.63
CA VAL F 234 -19.04 5.91 -4.62
C VAL F 234 -18.08 5.84 -5.80
N ASP F 235 -18.44 6.50 -6.91
CA ASP F 235 -17.63 6.50 -8.13
C ASP F 235 -16.36 7.23 -7.84
N VAL F 236 -16.44 8.23 -6.96
CA VAL F 236 -15.26 8.93 -6.47
C VAL F 236 -14.32 7.99 -5.75
N MET F 237 -14.81 7.23 -4.78
CA MET F 237 -13.95 6.26 -4.09
C MET F 237 -13.18 5.43 -5.12
N HIS F 238 -13.90 4.90 -6.11
CA HIS F 238 -13.27 4.00 -7.06
C HIS F 238 -12.12 4.67 -7.77
N LEU F 239 -12.36 5.89 -8.25
CA LEU F 239 -11.32 6.70 -8.85
C LEU F 239 -10.06 6.84 -7.96
N ILE F 240 -10.25 7.07 -6.66
CA ILE F 240 -9.10 7.34 -5.78
C ILE F 240 -8.65 6.06 -5.10
N GLN F 241 -9.27 4.96 -5.48
CA GLN F 241 -8.79 3.70 -4.98
C GLN F 241 -7.36 3.59 -5.52
N ASP F 242 -6.55 2.80 -4.83
CA ASP F 242 -5.19 2.57 -5.23
C ASP F 242 -4.45 3.88 -5.50
N GLY F 243 -4.72 4.83 -4.63
CA GLY F 243 -3.84 5.95 -4.33
C GLY F 243 -3.81 6.97 -5.44
N ASP F 244 -4.55 6.88 -6.49
CA ASP F 244 -4.43 7.83 -7.63
C ASP F 244 -5.31 9.09 -7.59
N TYR F 245 -4.90 10.05 -6.77
CA TYR F 245 -5.66 11.27 -6.54
C TYR F 245 -5.74 12.27 -7.69
N SER F 246 -4.89 12.12 -8.71
CA SER F 246 -4.96 13.02 -9.88
C SER F 246 -6.22 12.78 -10.73
N ASN F 247 -6.88 11.66 -10.50
CA ASN F 247 -8.14 11.34 -11.12
C ASN F 247 -9.23 12.38 -10.78
N LEU F 248 -9.06 13.04 -9.65
CA LEU F 248 -9.93 14.14 -9.25
C LEU F 248 -9.86 15.30 -10.22
N ASP F 249 -8.78 15.37 -10.99
CA ASP F 249 -8.63 16.41 -12.02
C ASP F 249 -9.41 16.12 -13.27
N LEU F 250 -9.88 14.89 -13.42
CA LEU F 250 -10.65 14.51 -14.60
C LEU F 250 -11.99 15.22 -14.66
N SER F 251 -12.47 15.45 -15.88
CA SER F 251 -13.87 15.85 -16.08
C SER F 251 -14.80 14.66 -15.83
N VAL F 252 -16.05 14.97 -15.53
CA VAL F 252 -17.07 13.93 -15.35
C VAL F 252 -17.08 12.96 -16.55
N GLY F 253 -17.11 13.52 -17.76
CA GLY F 253 -17.08 12.70 -18.98
C GLY F 253 -15.89 11.77 -18.96
N GLU F 254 -14.74 12.28 -18.57
CA GLU F 254 -13.55 11.46 -18.59
C GLU F 254 -13.62 10.39 -17.52
N ALA F 255 -14.17 10.75 -16.37
CA ALA F 255 -14.32 9.82 -15.26
C ALA F 255 -15.32 8.69 -15.52
N LEU F 256 -16.43 8.98 -16.22
CA LEU F 256 -17.40 7.94 -16.58
C LEU F 256 -16.78 6.83 -17.43
N LEU F 257 -15.83 7.17 -18.32
CA LEU F 257 -15.08 6.15 -19.06
C LEU F 257 -14.38 5.15 -18.14
N LYS F 258 -14.02 5.60 -16.94
CA LYS F 258 -13.38 4.74 -15.97
C LYS F 258 -14.36 4.00 -15.03
N ARG F 259 -15.66 4.17 -15.24
CA ARG F 259 -16.61 3.58 -14.30
C ARG F 259 -17.13 2.22 -14.79
N PRO F 260 -17.11 1.21 -13.89
CA PRO F 260 -17.54 -0.13 -14.31
C PRO F 260 -18.97 -0.17 -14.85
N ALA F 261 -19.32 -1.30 -15.48
CA ALA F 261 -20.71 -1.53 -15.91
C ALA F 261 -21.69 -1.55 -14.71
N ASN F 262 -22.78 -0.81 -14.83
CA ASN F 262 -23.86 -0.91 -13.86
C ASN F 262 -25.13 -1.29 -14.59
N PHE F 263 -25.58 -2.51 -14.34
CA PHE F 263 -26.89 -2.95 -14.82
C PHE F 263 -27.86 -2.17 -13.96
N ASP F 264 -29.09 -2.64 -13.81
CA ASP F 264 -30.06 -1.84 -13.02
C ASP F 264 -30.29 -0.49 -13.74
N GLY F 265 -29.28 0.37 -13.78
CA GLY F 265 -29.38 1.62 -14.54
C GLY F 265 -29.52 2.86 -13.67
N VAL F 266 -30.02 3.96 -14.24
CA VAL F 266 -30.44 5.11 -13.42
C VAL F 266 -31.93 5.34 -13.49
N HIS F 267 -32.57 5.30 -12.33
CA HIS F 267 -34.00 5.26 -12.17
C HIS F 267 -34.62 6.61 -12.27
N THR F 268 -35.62 6.69 -13.10
CA THR F 268 -36.29 7.92 -13.36
C THR F 268 -37.78 7.65 -13.26
N CYS F 269 -38.54 8.69 -12.94
CA CYS F 269 -39.97 8.58 -12.95
C CYS F 269 -40.52 9.97 -13.26
N ARG F 270 -41.83 10.11 -13.40
CA ARG F 270 -42.40 11.41 -13.69
C ARG F 270 -43.13 12.00 -12.47
N ALA F 271 -43.42 13.29 -12.53
CA ALA F 271 -44.12 13.94 -11.44
C ALA F 271 -45.50 13.31 -11.11
N THR F 272 -46.05 12.54 -12.06
CA THR F 272 -47.40 11.99 -11.93
C THR F 272 -47.33 10.58 -11.43
N ASP F 273 -46.13 10.03 -11.34
CA ASP F 273 -45.93 8.72 -10.72
C ASP F 273 -46.23 8.75 -9.23
N ARG F 274 -46.41 7.57 -8.65
CA ARG F 274 -46.82 7.47 -7.27
C ARG F 274 -46.03 6.41 -6.49
N LEU F 275 -46.25 6.38 -5.17
CA LEU F 275 -45.44 5.56 -4.29
C LEU F 275 -45.52 4.08 -4.56
N ASP F 276 -46.65 3.65 -5.11
CA ASP F 276 -46.88 2.23 -5.43
C ASP F 276 -45.94 1.61 -6.48
N GLY F 277 -45.60 2.37 -7.51
CA GLY F 277 -44.74 1.85 -8.56
C GLY F 277 -43.33 1.88 -8.05
N ILE F 278 -43.07 2.87 -7.22
CA ILE F 278 -41.76 3.05 -6.60
C ILE F 278 -41.46 1.88 -5.67
N PHE F 279 -42.43 1.43 -4.90
CA PHE F 279 -42.27 0.19 -4.13
C PHE F 279 -42.01 -1.08 -4.97
N ASP F 280 -42.71 -1.24 -6.10
CA ASP F 280 -42.42 -2.38 -6.96
C ASP F 280 -41.05 -2.25 -7.59
N ALA F 281 -40.59 -1.04 -7.84
CA ALA F 281 -39.23 -0.89 -8.29
C ALA F 281 -38.23 -1.24 -7.15
N ILE F 282 -38.53 -0.81 -5.93
CA ILE F 282 -37.66 -1.11 -4.81
C ILE F 282 -37.48 -2.62 -4.61
N LYS F 283 -38.54 -3.43 -4.77
CA LYS F 283 -38.38 -4.87 -4.54
C LYS F 283 -37.58 -5.63 -5.56
N HIS F 284 -37.51 -5.15 -6.80
CA HIS F 284 -36.68 -5.84 -7.80
C HIS F 284 -35.50 -5.12 -8.40
N SER F 285 -34.98 -4.12 -7.69
CA SER F 285 -33.74 -3.45 -8.10
C SER F 285 -33.28 -2.49 -7.02
N ARG F 286 -31.98 -2.20 -6.99
CA ARG F 286 -31.44 -1.34 -5.94
C ARG F 286 -31.60 0.14 -6.31
N VAL F 287 -32.78 0.68 -6.02
CA VAL F 287 -33.04 2.07 -6.23
C VAL F 287 -32.36 2.83 -5.09
N HIS F 288 -31.41 3.71 -5.40
CA HIS F 288 -30.93 4.65 -4.34
C HIS F 288 -31.65 5.97 -4.37
N ARG F 289 -32.20 6.32 -5.53
CA ARG F 289 -33.05 7.51 -5.64
C ARG F 289 -33.71 7.53 -6.98
N LEU F 290 -34.78 8.29 -7.11
CA LEU F 290 -35.39 8.46 -8.37
C LEU F 290 -35.28 9.92 -8.73
N PHE F 291 -34.89 10.15 -10.00
CA PHE F 291 -34.81 11.48 -10.59
C PHE F 291 -36.10 11.82 -11.33
N VAL F 292 -36.77 12.87 -10.91
CA VAL F 292 -38.04 13.24 -11.54
C VAL F 292 -37.83 14.08 -12.80
N VAL F 293 -38.37 13.59 -13.91
CA VAL F 293 -38.15 14.17 -15.22
C VAL F 293 -39.41 14.28 -16.02
N ASP F 294 -39.40 15.12 -17.06
CA ASP F 294 -40.58 15.34 -17.92
C ASP F 294 -40.65 14.44 -19.20
N GLU F 295 -41.64 14.70 -20.06
CA GLU F 295 -41.66 14.24 -21.46
C GLU F 295 -40.24 13.98 -22.00
N ASN F 296 -39.41 15.00 -21.98
CA ASN F 296 -38.14 14.97 -22.68
C ASN F 296 -36.94 14.83 -21.75
N LEU F 297 -37.11 14.03 -20.70
CA LEU F 297 -36.07 13.76 -19.75
C LEU F 297 -35.49 15.03 -19.17
N LYS F 298 -36.26 16.11 -19.16
CA LYS F 298 -35.79 17.31 -18.46
C LYS F 298 -35.91 17.03 -16.97
N LEU F 299 -34.82 17.26 -16.22
CA LEU F 299 -34.81 17.01 -14.79
C LEU F 299 -35.72 17.99 -14.04
N GLU F 300 -36.66 17.51 -13.24
CA GLU F 300 -37.37 18.48 -12.42
C GLU F 300 -37.18 18.33 -10.93
N GLY F 301 -36.74 17.15 -10.50
CA GLY F 301 -36.55 16.93 -9.08
C GLY F 301 -35.91 15.60 -8.77
N ILE F 302 -35.68 15.38 -7.48
CA ILE F 302 -35.03 14.19 -6.98
C ILE F 302 -35.86 13.67 -5.86
N LEU F 303 -36.12 12.38 -5.87
CA LEU F 303 -36.77 11.72 -4.76
C LEU F 303 -35.83 10.63 -4.32
N SER F 304 -35.28 10.81 -3.14
CA SER F 304 -34.41 9.81 -2.62
C SER F 304 -35.05 9.01 -1.49
N LEU F 305 -34.34 7.97 -1.05
CA LEU F 305 -34.90 6.99 -0.12
C LEU F 305 -35.27 7.64 1.20
N ALA F 306 -34.51 8.69 1.57
CA ALA F 306 -34.72 9.33 2.84
C ALA F 306 -36.01 10.07 2.71
N ASP F 307 -36.20 10.73 1.57
CA ASP F 307 -37.48 11.44 1.29
C ASP F 307 -38.67 10.50 1.36
N ILE F 308 -38.52 9.26 0.89
CA ILE F 308 -39.65 8.36 0.92
C ILE F 308 -39.91 7.86 2.34
N LEU F 309 -38.85 7.41 3.01
CA LEU F 309 -38.95 6.91 4.36
C LEU F 309 -39.37 7.98 5.34
N ASN F 310 -38.82 9.21 5.26
CA ASN F 310 -39.26 10.25 6.19
C ASN F 310 -40.73 10.55 5.98
N TYR F 311 -41.15 10.62 4.72
CA TYR F 311 -42.55 10.87 4.43
C TYR F 311 -43.48 9.81 5.05
N ILE F 312 -43.16 8.53 4.85
CA ILE F 312 -43.91 7.38 5.37
C ILE F 312 -44.07 7.31 6.91
N ILE F 313 -43.01 7.54 7.64
CA ILE F 313 -43.03 7.36 9.07
C ILE F 313 -43.72 8.54 9.75
N TYR F 314 -43.85 9.63 9.02
CA TYR F 314 -44.49 10.81 9.55
C TYR F 314 -45.94 10.85 9.14
N ASP F 315 -46.73 11.00 10.16
CA ASP F 315 -47.97 10.26 10.30
C ASP F 315 -49.19 10.98 9.74
N LYS F 316 -50.24 11.06 10.56
CA LYS F 316 -51.42 11.86 10.28
C LYS F 316 -51.03 13.16 9.59
N THR F 317 -51.85 13.55 8.60
CA THR F 317 -51.75 14.86 7.91
C THR F 317 -50.26 15.33 7.69
N THR F 318 -49.38 14.32 7.49
CA THR F 318 -47.90 14.41 7.25
C THR F 318 -47.02 15.40 8.07
N THR F 319 -46.46 14.88 9.17
CA THR F 319 -45.53 15.62 10.04
C THR F 319 -44.19 15.87 9.30
N PRO F 320 -43.43 16.93 9.62
CA PRO F 320 -43.69 18.01 10.62
C PRO F 320 -43.32 17.66 12.08
N GLY F 321 -42.16 16.92 12.27
CA GLY F 321 -41.78 16.45 13.58
C GLY F 321 -40.29 16.42 13.79
N VAL F 322 -39.42 16.01 12.87
CA VAL F 322 -39.81 15.37 11.61
C VAL F 322 -39.57 16.07 10.28
N PRO F 323 -38.30 16.28 9.88
CA PRO F 323 -37.10 15.85 10.60
C PRO F 323 -36.53 16.99 11.46
N GLU F 324 -36.07 16.65 12.66
CA GLU F 324 -35.78 17.65 13.71
C GLU F 324 -34.29 17.92 14.00
N GLN F 325 -33.71 17.19 14.96
CA GLN F 325 -32.37 17.41 15.52
C GLN F 325 -31.19 17.52 14.52
N THR F 326 -30.04 18.01 15.00
CA THR F 326 -28.84 18.28 14.16
C THR F 326 -28.92 17.72 12.73
N ASP F 327 -29.51 18.51 11.85
CA ASP F 327 -30.01 18.02 10.54
C ASP F 327 -29.02 18.13 9.36
N ASN F 328 -27.73 18.12 9.65
CA ASN F 328 -26.69 18.01 8.62
C ASN F 328 -25.82 16.76 8.89
N PHE F 329 -24.91 16.88 9.87
CA PHE F 329 -24.16 15.74 10.44
C PHE F 329 -23.29 14.91 9.45
N GLU F 330 -22.48 14.02 10.02
CA GLU F 330 -21.66 13.05 9.27
C GLU F 330 -22.56 11.98 8.67
N SER F 331 -23.38 11.41 9.55
CA SER F 331 -24.27 10.31 9.26
C SER F 331 -25.04 10.55 7.95
N ALA F 332 -25.04 9.59 7.01
CA ALA F 332 -24.31 8.32 7.07
C ALA F 332 -24.23 7.59 5.73
N VAL F 333 -24.40 8.31 4.63
CA VAL F 333 -24.28 7.80 3.23
C VAL F 333 -24.68 6.32 2.95
#